data_6C5R
#
_entry.id   6C5R
#
_cell.length_a   261.785
_cell.length_b   119.921
_cell.length_c   88.005
_cell.angle_alpha   90.000
_cell.angle_beta   106.887
_cell.angle_gamma   90.000
#
_symmetry.space_group_name_H-M   'C 1 2 1'
#
_entity_poly.entity_id   1
_entity_poly.type   'polypeptide(L)'
_entity_poly.pdbx_seq_one_letter_code
;GPMMATKGRLLTTPTRLLKLILPIPFHPEQEYINSDETKTNKPKEDAVEPLALLVHPQQPLSYLERLIQAEIPPLLVKDR
EKLPEIIFRAEADYTGGNGDTHWVRWSGSTEIGDFIRDAARGREFSVTIEGHAEELRVAVPSFKDRTYYMRMRLRRMSQE
IDQMATVKREAKWDQLVHDANGLRREIKFAATEYGVEWDEMKDLGGEEVK
;
_entity_poly.pdbx_strand_id   A,B,D,F,H,C,E,G
#
# COMPACT_ATOMS: atom_id res chain seq x y z
N ARG A 9 -3.41 -2.57 -46.50
CA ARG A 9 -4.09 -1.32 -46.80
C ARG A 9 -4.91 -0.87 -45.59
N LEU A 10 -4.74 -1.58 -44.49
CA LEU A 10 -5.41 -1.27 -43.22
C LEU A 10 -4.33 -0.96 -42.19
N LEU A 11 -4.43 0.21 -41.56
CA LEU A 11 -3.36 0.72 -40.71
C LEU A 11 -3.84 0.90 -39.28
N THR A 12 -2.99 0.53 -38.32
CA THR A 12 -3.22 0.87 -36.94
C THR A 12 -3.10 2.37 -36.76
N THR A 13 -3.75 2.91 -35.73
CA THR A 13 -3.80 4.33 -35.48
C THR A 13 -3.28 4.62 -34.07
N PRO A 14 -2.89 5.87 -33.78
CA PRO A 14 -2.51 6.20 -32.40
C PRO A 14 -3.58 5.85 -31.38
N THR A 15 -4.83 6.24 -31.60
CA THR A 15 -5.92 5.74 -30.78
C THR A 15 -6.12 4.24 -31.04
N ARG A 16 -7.30 3.72 -30.68
CA ARG A 16 -7.51 2.29 -30.85
C ARG A 16 -8.29 1.96 -32.11
N LEU A 17 -8.55 2.95 -32.97
CA LEU A 17 -9.27 2.76 -34.22
C LEU A 17 -8.41 2.03 -35.25
N LEU A 18 -8.88 2.00 -36.49
CA LEU A 18 -8.13 1.45 -37.61
C LEU A 18 -8.46 2.27 -38.85
N LYS A 19 -7.44 2.70 -39.58
CA LYS A 19 -7.64 3.34 -40.87
C LYS A 19 -7.52 2.32 -41.99
N LEU A 20 -8.49 2.32 -42.88
CA LEU A 20 -8.52 1.43 -44.05
C LEU A 20 -8.48 2.28 -45.31
N ILE A 21 -7.71 1.82 -46.30
CA ILE A 21 -7.50 2.55 -47.54
C ILE A 21 -7.65 1.56 -48.69
N LEU A 22 -8.38 1.95 -49.74
CA LEU A 22 -8.57 1.10 -50.91
C LEU A 22 -9.33 1.88 -51.97
N PRO A 23 -9.33 1.42 -53.23
CA PRO A 23 -10.20 1.99 -54.27
C PRO A 23 -11.69 1.82 -53.95
N ALA A 52 -10.53 5.79 -47.99
CA ALA A 52 -10.12 6.05 -46.62
C ALA A 52 -11.29 5.83 -45.65
N LEU A 53 -11.06 4.98 -44.65
CA LEU A 53 -12.14 4.53 -43.77
C LEU A 53 -11.63 4.40 -42.34
N LEU A 54 -12.55 4.56 -41.40
CA LEU A 54 -12.29 4.34 -39.98
C LEU A 54 -13.20 3.23 -39.46
N VAL A 55 -12.64 2.37 -38.60
CA VAL A 55 -13.40 1.32 -37.93
C VAL A 55 -12.83 1.12 -36.54
N HIS A 56 -13.64 0.59 -35.64
CA HIS A 56 -13.20 0.16 -34.32
C HIS A 56 -13.06 -1.36 -34.32
N PRO A 57 -11.95 -1.89 -33.77
CA PRO A 57 -11.75 -3.35 -33.79
C PRO A 57 -12.87 -4.15 -33.15
N GLN A 58 -13.66 -3.52 -32.29
CA GLN A 58 -14.80 -4.18 -31.64
C GLN A 58 -16.09 -4.01 -32.42
N GLN A 59 -16.04 -3.41 -33.57
CA GLN A 59 -17.22 -3.35 -34.42
C GLN A 59 -17.31 -4.60 -35.28
N PRO A 60 -18.51 -5.09 -35.56
CA PRO A 60 -18.64 -6.23 -36.46
C PRO A 60 -18.39 -5.84 -37.91
N LEU A 61 -18.06 -6.85 -38.72
CA LEU A 61 -17.80 -6.64 -40.14
C LEU A 61 -18.99 -6.02 -40.86
N SER A 62 -20.21 -6.23 -40.36
CA SER A 62 -21.40 -5.60 -40.95
C SER A 62 -21.21 -4.09 -41.12
N TYR A 63 -20.59 -3.45 -40.12
CA TYR A 63 -20.32 -2.01 -40.22
C TYR A 63 -19.42 -1.69 -41.39
N LEU A 64 -18.33 -2.46 -41.56
CA LEU A 64 -17.49 -2.33 -42.74
C LEU A 64 -18.29 -2.45 -44.03
N GLU A 65 -19.11 -3.50 -44.14
CA GLU A 65 -19.97 -3.65 -45.31
C GLU A 65 -20.86 -2.44 -45.51
N ARG A 66 -21.42 -1.91 -44.42
CA ARG A 66 -22.29 -0.74 -44.50
C ARG A 66 -21.56 0.46 -45.08
N LEU A 67 -20.36 0.75 -44.56
CA LEU A 67 -19.58 1.86 -45.07
C LEU A 67 -19.17 1.63 -46.52
N ILE A 68 -18.69 0.42 -46.84
CA ILE A 68 -18.27 0.12 -48.20
C ILE A 68 -19.44 0.23 -49.18
N GLN A 69 -20.61 -0.27 -48.79
CA GLN A 69 -21.78 -0.20 -49.64
C GLN A 69 -22.21 1.23 -49.91
N ALA A 70 -21.94 2.15 -48.98
CA ALA A 70 -22.32 3.54 -49.14
C ALA A 70 -21.50 4.26 -50.21
N GLU A 71 -20.32 3.75 -50.56
CA GLU A 71 -19.44 4.40 -51.52
C GLU A 71 -19.54 3.77 -52.91
N ILE A 72 -20.54 2.93 -53.14
CA ILE A 72 -20.67 2.14 -54.37
C ILE A 72 -22.13 2.06 -54.77
N PRO A 73 -22.47 1.65 -56.02
CA PRO A 73 -23.86 1.53 -56.49
C PRO A 73 -24.80 0.76 -55.55
N PRO A 84 -26.02 -5.24 -53.29
CA PRO A 84 -24.60 -4.89 -53.15
C PRO A 84 -23.95 -5.63 -51.97
N GLU A 85 -23.81 -6.95 -52.09
CA GLU A 85 -23.33 -7.75 -50.98
C GLU A 85 -21.81 -7.75 -50.91
N ILE A 86 -21.28 -7.54 -49.71
CA ILE A 86 -19.85 -7.54 -49.45
C ILE A 86 -19.53 -8.76 -48.60
N ILE A 87 -18.58 -9.57 -49.05
CA ILE A 87 -18.22 -10.80 -48.36
C ILE A 87 -16.72 -10.76 -48.05
N PHE A 88 -16.34 -11.36 -46.93
CA PHE A 88 -14.95 -11.31 -46.43
C PHE A 88 -14.41 -12.74 -46.33
N ARG A 89 -13.40 -13.04 -47.13
CA ARG A 89 -12.70 -14.31 -47.08
C ARG A 89 -11.30 -14.09 -46.53
N ALA A 90 -10.77 -15.06 -45.79
CA ALA A 90 -9.45 -14.90 -45.20
C ALA A 90 -8.88 -16.24 -44.76
N GLU A 91 -7.60 -16.43 -45.07
CA GLU A 91 -6.72 -17.46 -44.49
C GLU A 91 -5.34 -17.39 -45.14
N TRP A 103 -9.75 -20.72 -49.22
CA TRP A 103 -9.86 -20.11 -47.89
C TRP A 103 -11.27 -19.64 -47.56
N VAL A 104 -11.45 -19.27 -46.29
CA VAL A 104 -12.76 -19.29 -45.63
C VAL A 104 -13.33 -17.88 -45.50
N ARG A 105 -14.64 -17.78 -45.75
CA ARG A 105 -15.38 -16.54 -45.54
C ARG A 105 -15.69 -16.36 -44.05
N TRP A 106 -15.94 -15.12 -43.65
CA TRP A 106 -16.10 -14.78 -42.25
C TRP A 106 -17.46 -14.13 -42.03
N SER A 107 -18.10 -14.49 -40.91
CA SER A 107 -19.43 -13.98 -40.61
C SER A 107 -19.38 -12.48 -40.34
N GLY A 108 -20.36 -11.75 -40.86
CA GLY A 108 -20.48 -10.32 -40.64
C GLY A 108 -20.80 -9.95 -39.20
N SER A 109 -20.98 -10.97 -38.35
CA SER A 109 -21.16 -10.78 -36.91
C SER A 109 -19.88 -11.00 -36.13
N THR A 110 -18.76 -11.28 -36.81
CA THR A 110 -17.48 -11.39 -36.15
C THR A 110 -16.82 -10.02 -36.05
N GLU A 111 -16.11 -9.79 -34.95
CA GLU A 111 -15.48 -8.49 -34.73
C GLU A 111 -14.28 -8.32 -35.63
N ILE A 112 -14.12 -7.10 -36.16
CA ILE A 112 -13.01 -6.81 -37.07
C ILE A 112 -11.67 -7.10 -36.41
N GLY A 113 -11.55 -6.78 -35.11
CA GLY A 113 -10.37 -7.10 -34.35
C GLY A 113 -9.99 -8.56 -34.43
N ASP A 114 -10.94 -9.44 -34.10
CA ASP A 114 -10.69 -10.88 -34.21
C ASP A 114 -10.47 -11.29 -35.66
N PHE A 115 -10.98 -10.52 -36.62
CA PHE A 115 -10.89 -10.93 -38.01
C PHE A 115 -9.49 -10.72 -38.57
N ILE A 116 -8.95 -9.50 -38.43
CA ILE A 116 -7.60 -9.23 -38.92
C ILE A 116 -6.57 -9.95 -38.07
N ARG A 117 -6.93 -10.31 -36.84
CA ARG A 117 -6.08 -11.16 -36.00
C ARG A 117 -5.77 -12.47 -36.72
N ASP A 118 -6.81 -13.26 -37.02
CA ASP A 118 -6.62 -14.50 -37.74
C ASP A 118 -6.14 -14.27 -39.17
N ALA A 119 -6.43 -13.11 -39.75
CA ALA A 119 -5.96 -12.81 -41.09
C ALA A 119 -4.44 -12.66 -41.16
N ALA A 120 -3.78 -12.41 -40.03
CA ALA A 120 -2.33 -12.30 -40.02
C ALA A 120 -1.64 -13.59 -40.44
N ARG A 121 -2.34 -14.73 -40.39
CA ARG A 121 -1.79 -15.97 -40.93
C ARG A 121 -1.39 -15.80 -42.39
N GLY A 122 -2.34 -15.35 -43.23
CA GLY A 122 -2.10 -15.13 -44.63
C GLY A 122 -1.60 -13.76 -45.02
N ARG A 123 -1.28 -12.91 -44.04
CA ARG A 123 -0.73 -11.57 -44.26
C ARG A 123 -1.70 -10.62 -44.98
N GLU A 124 -2.85 -11.14 -45.40
CA GLU A 124 -3.83 -10.33 -46.12
C GLU A 124 -5.17 -11.07 -46.14
N PHE A 125 -6.22 -10.36 -46.57
CA PHE A 125 -7.55 -10.94 -46.66
C PHE A 125 -8.27 -10.38 -47.87
N SER A 126 -9.27 -11.13 -48.34
CA SER A 126 -10.01 -10.78 -49.55
C SER A 126 -11.27 -9.99 -49.22
N VAL A 127 -11.65 -9.12 -50.15
CA VAL A 127 -12.95 -8.45 -50.15
C VAL A 127 -13.52 -8.60 -51.55
N THR A 128 -14.62 -9.33 -51.68
CA THR A 128 -15.32 -9.49 -52.93
C THR A 128 -16.71 -8.87 -52.82
N ILE A 129 -17.24 -8.40 -53.94
CA ILE A 129 -18.48 -7.64 -53.98
C ILE A 129 -19.47 -8.36 -54.90
N GLU A 130 -20.72 -8.44 -54.47
CA GLU A 130 -21.79 -8.99 -55.30
C GLU A 130 -21.93 -8.20 -56.58
N GLY A 131 -21.36 -8.71 -57.67
CA GLY A 131 -21.39 -8.00 -58.94
C GLY A 131 -20.03 -7.97 -59.61
N HIS A 132 -19.09 -7.24 -59.01
CA HIS A 132 -17.73 -7.16 -59.55
C HIS A 132 -17.08 -8.54 -59.55
N ALA A 133 -16.10 -8.71 -60.42
CA ALA A 133 -15.45 -10.01 -60.61
C ALA A 133 -14.06 -10.07 -59.99
N GLU A 134 -13.29 -8.98 -60.08
CA GLU A 134 -11.97 -8.93 -59.46
C GLU A 134 -12.10 -8.69 -57.96
N GLU A 135 -11.44 -9.52 -57.17
CA GLU A 135 -11.51 -9.39 -55.72
C GLU A 135 -10.55 -8.31 -55.25
N LEU A 136 -10.80 -7.83 -54.03
CA LEU A 136 -9.92 -6.86 -53.39
C LEU A 136 -9.16 -7.54 -52.26
N ARG A 137 -7.84 -7.35 -52.26
CA ARG A 137 -7.00 -7.86 -51.19
C ARG A 137 -6.47 -6.71 -50.35
N VAL A 138 -6.43 -6.93 -49.04
CA VAL A 138 -6.00 -5.92 -48.08
C VAL A 138 -4.97 -6.57 -47.15
N ALA A 139 -3.79 -5.97 -47.07
CA ALA A 139 -2.75 -6.46 -46.16
C ALA A 139 -3.15 -6.14 -44.72
N VAL A 140 -2.92 -7.10 -43.82
CA VAL A 140 -3.29 -6.92 -42.42
C VAL A 140 -2.07 -6.50 -41.62
N PRO A 141 -2.23 -5.63 -40.62
CA PRO A 141 -1.09 -5.26 -39.77
C PRO A 141 -0.50 -6.46 -39.06
N SER A 142 0.83 -6.53 -39.03
CA SER A 142 1.51 -7.47 -38.16
C SER A 142 1.17 -7.14 -36.70
N PHE A 143 1.60 -8.01 -35.79
CA PHE A 143 1.46 -7.73 -34.37
C PHE A 143 2.20 -6.44 -34.00
N LYS A 144 3.48 -6.37 -34.37
CA LYS A 144 4.26 -5.14 -34.18
C LYS A 144 3.58 -3.96 -34.85
N ASP A 145 2.95 -4.18 -36.01
CA ASP A 145 2.24 -3.11 -36.70
C ASP A 145 1.05 -2.63 -35.89
N ARG A 146 0.38 -3.55 -35.18
CA ARG A 146 -0.78 -3.17 -34.38
C ARG A 146 -0.36 -2.51 -33.07
N THR A 147 0.83 -2.84 -32.59
CA THR A 147 1.29 -2.41 -31.27
C THR A 147 2.35 -1.33 -31.33
N TYR A 148 2.59 -0.75 -32.51
CA TYR A 148 3.62 0.27 -32.64
C TYR A 148 3.38 1.44 -31.70
N TYR A 149 2.29 2.18 -31.91
CA TYR A 149 1.97 3.32 -31.04
C TYR A 149 1.80 2.89 -29.59
N MET A 150 1.33 1.66 -29.36
CA MET A 150 1.14 1.18 -28.00
C MET A 150 2.48 0.94 -27.33
N ARG A 151 3.33 0.09 -27.93
CA ARG A 151 4.66 -0.15 -27.39
C ARG A 151 5.47 1.14 -27.28
N MET A 152 5.24 2.10 -28.18
CA MET A 152 5.87 3.40 -28.06
C MET A 152 5.46 4.09 -26.76
N ARG A 153 4.14 4.17 -26.52
CA ARG A 153 3.65 4.81 -25.30
C ARG A 153 4.23 4.15 -24.06
N LEU A 154 4.34 2.81 -24.08
CA LEU A 154 4.96 2.11 -22.96
C LEU A 154 6.42 2.52 -22.78
N ARG A 155 7.19 2.47 -23.88
CA ARG A 155 8.60 2.88 -23.83
C ARG A 155 8.77 4.25 -23.21
N ARG A 156 7.94 5.22 -23.62
CA ARG A 156 8.10 6.58 -23.13
C ARG A 156 7.68 6.70 -21.68
N MET A 157 6.51 6.15 -21.33
CA MET A 157 6.07 6.16 -19.94
C MET A 157 7.09 5.48 -19.03
N SER A 158 7.61 4.32 -19.47
CA SER A 158 8.65 3.64 -18.71
C SER A 158 9.86 4.54 -18.48
N GLN A 159 10.36 5.16 -19.54
CA GLN A 159 11.47 6.09 -19.41
C GLN A 159 11.09 7.26 -18.51
N GLU A 160 9.89 7.82 -18.71
CA GLU A 160 9.38 8.84 -17.80
C GLU A 160 9.45 8.40 -16.35
N ILE A 161 9.15 7.13 -16.09
CA ILE A 161 9.18 6.61 -14.72
C ILE A 161 10.59 6.60 -14.18
N ASP A 162 11.53 5.98 -14.92
CA ASP A 162 12.91 5.90 -14.47
C ASP A 162 13.47 7.27 -14.10
N GLN A 163 13.19 8.28 -14.93
CA GLN A 163 13.55 9.66 -14.57
C GLN A 163 12.95 10.05 -13.24
N MET A 164 11.63 9.88 -13.09
CA MET A 164 10.97 10.18 -11.83
C MET A 164 11.61 9.46 -10.66
N ALA A 165 11.85 8.15 -10.82
CA ALA A 165 12.49 7.37 -9.76
C ALA A 165 13.94 7.80 -9.55
N THR A 166 14.67 8.04 -10.65
CA THR A 166 16.08 8.44 -10.54
C THR A 166 16.22 9.75 -9.75
N VAL A 167 15.29 10.69 -9.97
CA VAL A 167 15.27 11.92 -9.17
C VAL A 167 15.08 11.59 -7.69
N LYS A 168 14.09 10.75 -7.38
CA LYS A 168 13.83 10.35 -6.00
C LYS A 168 15.10 9.79 -5.35
N ARG A 169 15.89 9.02 -6.11
CA ARG A 169 17.11 8.45 -5.55
C ARG A 169 18.17 9.51 -5.33
N GLU A 170 18.44 10.34 -6.35
CA GLU A 170 19.46 11.38 -6.22
C GLU A 170 19.09 12.48 -5.24
N ALA A 171 17.92 12.41 -4.61
CA ALA A 171 17.54 13.34 -3.55
C ALA A 171 17.43 12.65 -2.20
N LYS A 172 17.85 11.38 -2.11
CA LYS A 172 17.78 10.60 -0.87
C LYS A 172 16.37 10.68 -0.27
N TRP A 173 15.38 10.58 -1.16
CA TRP A 173 14.00 10.91 -0.80
C TRP A 173 13.42 9.91 0.20
N ASP A 174 13.91 8.68 0.21
CA ASP A 174 13.40 7.70 1.16
C ASP A 174 13.93 7.95 2.56
N GLN A 175 15.23 8.23 2.68
CA GLN A 175 15.78 8.67 3.96
C GLN A 175 15.13 9.97 4.42
N LEU A 176 14.85 10.89 3.49
CA LEU A 176 14.19 12.14 3.84
C LEU A 176 12.83 11.86 4.49
N VAL A 177 12.05 10.95 3.89
CA VAL A 177 10.74 10.61 4.45
C VAL A 177 10.90 9.89 5.78
N HIS A 178 11.81 8.92 5.85
CA HIS A 178 12.05 8.20 7.10
C HIS A 178 12.49 9.16 8.20
N ASP A 179 13.45 10.04 7.89
CA ASP A 179 13.90 11.03 8.86
C ASP A 179 12.75 11.93 9.31
N ALA A 180 12.03 12.51 8.36
CA ALA A 180 10.92 13.40 8.68
C ALA A 180 9.86 12.69 9.51
N ASN A 181 9.25 11.64 8.95
CA ASN A 181 8.21 10.89 9.66
C ASN A 181 8.69 10.44 11.04
N GLY A 182 9.92 9.95 11.13
CA GLY A 182 10.42 9.45 12.40
C GLY A 182 10.55 10.52 13.45
N LEU A 183 10.98 11.73 13.05
CA LEU A 183 11.17 12.80 14.03
C LEU A 183 9.88 13.57 14.31
N ARG A 184 8.97 13.71 13.33
CA ARG A 184 7.62 14.15 13.64
C ARG A 184 7.01 13.27 14.73
N ARG A 185 7.32 11.98 14.71
CA ARG A 185 6.87 11.08 15.75
C ARG A 185 7.39 11.48 17.12
N GLU A 186 8.72 11.65 17.24
CA GLU A 186 9.29 12.06 18.52
C GLU A 186 8.76 13.41 18.97
N ILE A 187 8.48 14.31 18.03
CA ILE A 187 7.93 15.63 18.38
C ILE A 187 6.52 15.47 18.94
N LYS A 188 5.62 14.88 18.15
CA LYS A 188 4.29 14.55 18.65
C LYS A 188 4.36 13.84 19.99
N PHE A 189 5.35 12.95 20.16
CA PHE A 189 5.41 12.13 21.36
C PHE A 189 5.74 13.00 22.58
N ALA A 190 6.64 13.96 22.41
CA ALA A 190 6.97 14.89 23.49
C ALA A 190 5.76 15.73 23.89
N ALA A 191 5.00 16.22 22.89
CA ALA A 191 3.80 16.99 23.19
C ALA A 191 2.87 16.24 24.13
N THR A 192 2.64 14.95 23.85
CA THR A 192 1.86 14.12 24.76
C THR A 192 2.54 13.97 26.12
N GLU A 193 3.87 14.01 26.15
CA GLU A 193 4.59 13.91 27.42
C GLU A 193 4.46 15.17 28.24
N TYR A 194 4.60 16.34 27.61
CA TYR A 194 4.41 17.61 28.31
C TYR A 194 2.94 17.98 28.49
N GLY A 195 2.03 17.25 27.84
CA GLY A 195 0.61 17.54 27.94
C GLY A 195 0.15 18.72 27.11
N VAL A 196 0.61 18.83 25.86
CA VAL A 196 0.29 19.97 25.00
C VAL A 196 -0.17 19.49 23.64
N GLU A 197 -0.39 20.43 22.72
CA GLU A 197 -0.73 20.15 21.33
C GLU A 197 0.29 20.80 20.42
N TRP A 198 0.31 20.41 19.15
CA TRP A 198 1.42 20.76 18.27
C TRP A 198 0.98 20.72 16.82
N ASP A 199 1.60 21.57 16.01
CA ASP A 199 1.39 21.59 14.56
C ASP A 199 2.64 21.10 13.85
N GLY B 8 -6.89 29.10 -46.56
CA GLY B 8 -8.00 28.68 -45.71
C GLY B 8 -7.52 28.23 -44.34
N ARG B 9 -8.42 28.28 -43.35
CA ARG B 9 -7.98 28.07 -41.98
C ARG B 9 -9.08 27.36 -41.18
N LEU B 10 -8.63 26.43 -40.32
CA LEU B 10 -9.43 25.81 -39.28
C LEU B 10 -8.69 25.97 -37.97
N LEU B 11 -9.41 26.32 -36.90
CA LEU B 11 -8.77 26.63 -35.62
C LEU B 11 -9.55 26.01 -34.47
N THR B 12 -8.92 26.04 -33.30
CA THR B 12 -9.45 25.39 -32.11
C THR B 12 -10.20 26.39 -31.23
N THR B 13 -10.99 25.85 -30.30
CA THR B 13 -11.72 26.60 -29.29
C THR B 13 -11.41 25.99 -27.94
N PRO B 14 -11.50 26.78 -26.86
CA PRO B 14 -11.28 26.19 -25.53
C PRO B 14 -12.29 25.11 -25.18
N THR B 15 -13.50 25.20 -25.69
CA THR B 15 -14.46 24.11 -25.60
C THR B 15 -14.21 23.11 -26.72
N ARG B 16 -14.77 21.90 -26.59
CA ARG B 16 -14.54 20.83 -27.55
C ARG B 16 -14.88 21.25 -28.97
N LEU B 17 -15.72 22.28 -29.13
CA LEU B 17 -16.14 22.73 -30.45
C LEU B 17 -14.95 23.14 -31.30
N LEU B 18 -15.16 23.18 -32.62
CA LEU B 18 -14.13 23.53 -33.58
C LEU B 18 -14.64 24.63 -34.49
N LYS B 19 -13.77 25.61 -34.78
CA LYS B 19 -14.09 26.71 -35.67
C LYS B 19 -13.24 26.60 -36.93
N LEU B 20 -13.90 26.60 -38.09
CA LEU B 20 -13.23 26.85 -39.36
C LEU B 20 -14.03 27.88 -40.14
N ILE B 21 -13.35 28.50 -41.09
CA ILE B 21 -13.94 29.50 -41.98
C ILE B 21 -13.19 29.47 -43.30
N LEU B 22 -13.86 29.92 -44.37
CA LEU B 22 -13.39 29.71 -45.72
C LEU B 22 -14.08 30.73 -46.63
N PRO B 23 -13.76 30.74 -47.94
CA PRO B 23 -14.57 31.42 -48.96
C PRO B 23 -16.07 31.29 -48.73
N HIS B 56 -18.05 20.69 -34.53
CA HIS B 56 -18.07 19.67 -33.50
C HIS B 56 -17.35 18.40 -33.96
N PRO B 57 -16.51 17.84 -33.08
CA PRO B 57 -15.73 16.65 -33.47
C PRO B 57 -16.57 15.46 -33.89
N GLN B 58 -17.68 15.19 -33.19
CA GLN B 58 -18.43 13.96 -33.42
C GLN B 58 -19.40 14.05 -34.59
N GLN B 59 -19.42 15.14 -35.33
CA GLN B 59 -20.34 15.18 -36.46
C GLN B 59 -19.72 14.52 -37.68
N PRO B 60 -20.53 13.90 -38.52
CA PRO B 60 -20.00 13.28 -39.74
C PRO B 60 -19.59 14.34 -40.76
N LEU B 61 -18.68 13.93 -41.64
CA LEU B 61 -18.29 14.81 -42.75
C LEU B 61 -19.50 15.18 -43.61
N SER B 62 -20.45 14.26 -43.76
CA SER B 62 -21.69 14.57 -44.46
C SER B 62 -22.35 15.82 -43.89
N TYR B 63 -22.34 15.95 -42.55
CA TYR B 63 -22.87 17.16 -41.93
C TYR B 63 -22.05 18.38 -42.32
N LEU B 64 -20.72 18.28 -42.27
CA LEU B 64 -19.88 19.36 -42.77
C LEU B 64 -20.23 19.72 -44.21
N GLU B 65 -20.51 18.71 -45.03
CA GLU B 65 -21.08 18.96 -46.35
C GLU B 65 -22.48 19.54 -46.24
N ARG B 66 -23.30 18.98 -45.35
CA ARG B 66 -24.72 19.33 -45.31
C ARG B 66 -24.94 20.79 -44.94
N LEU B 67 -24.14 21.33 -44.02
CA LEU B 67 -24.37 22.71 -43.59
C LEU B 67 -23.60 23.73 -44.43
N ILE B 68 -22.53 23.32 -45.11
CA ILE B 68 -21.87 24.21 -46.06
C ILE B 68 -22.83 24.56 -47.18
N GLN B 69 -23.64 23.59 -47.64
CA GLN B 69 -24.58 23.83 -48.72
C GLN B 69 -25.56 24.95 -48.39
N ALA B 70 -25.76 25.24 -47.12
CA ALA B 70 -26.49 26.45 -46.73
C ALA B 70 -25.72 27.72 -47.05
N GLU B 71 -24.45 27.60 -47.42
CA GLU B 71 -23.61 28.73 -47.81
C GLU B 71 -23.04 28.53 -49.21
N ILE B 72 -23.91 28.19 -50.17
CA ILE B 72 -23.46 27.79 -51.51
C ILE B 72 -24.62 27.90 -52.49
N PRO B 73 -24.36 27.94 -53.81
CA PRO B 73 -25.43 27.96 -54.82
C PRO B 73 -26.17 26.62 -54.92
N GLU B 85 -21.93 19.03 -54.11
CA GLU B 85 -21.33 17.87 -53.43
C GLU B 85 -19.92 18.17 -52.94
N ILE B 86 -19.71 18.04 -51.63
CA ILE B 86 -18.49 18.47 -50.97
C ILE B 86 -17.78 17.22 -50.47
N ILE B 87 -16.58 16.96 -50.99
CA ILE B 87 -15.79 15.83 -50.56
C ILE B 87 -14.51 16.34 -49.89
N PHE B 88 -13.83 15.45 -49.18
CA PHE B 88 -12.64 15.82 -48.42
C PHE B 88 -11.51 14.86 -48.75
N ARG B 89 -10.29 15.37 -48.66
CA ARG B 89 -9.10 14.59 -49.00
C ARG B 89 -7.92 15.12 -48.20
N ALA B 90 -6.91 14.27 -48.05
CA ALA B 90 -5.72 14.65 -47.29
C ALA B 90 -4.53 13.80 -47.75
N GLU B 91 -3.37 14.15 -47.23
CA GLU B 91 -2.10 13.58 -47.65
C GLU B 91 -1.89 12.23 -46.97
N ALA B 92 -1.34 11.26 -47.72
CA ALA B 92 -1.21 9.89 -47.23
C ALA B 92 0.18 9.36 -47.58
N ASP B 93 0.96 9.02 -46.55
CA ASP B 93 2.28 8.45 -46.74
C ASP B 93 2.25 6.94 -46.63
N TYR B 94 3.25 6.30 -47.25
CA TYR B 94 3.43 4.85 -47.16
C TYR B 94 4.87 4.51 -47.53
N THR B 95 5.81 4.86 -46.65
CA THR B 95 7.24 4.66 -46.91
C THR B 95 8.04 4.75 -45.61
N THR B 101 3.77 9.65 -50.72
CA THR B 101 2.68 10.62 -50.74
C THR B 101 1.46 10.07 -51.47
N HIS B 102 0.29 10.64 -51.21
CA HIS B 102 -0.97 10.24 -51.83
C HIS B 102 -2.09 11.13 -51.30
N TRP B 103 -3.16 11.22 -52.09
CA TRP B 103 -4.40 11.85 -51.66
C TRP B 103 -5.49 10.79 -51.61
N VAL B 104 -6.36 10.88 -50.60
CA VAL B 104 -7.35 9.85 -50.33
C VAL B 104 -8.67 10.51 -49.95
N ARG B 105 -9.77 9.99 -50.51
CA ARG B 105 -11.11 10.48 -50.19
C ARG B 105 -11.62 9.81 -48.93
N TRP B 106 -12.20 10.60 -48.03
CA TRP B 106 -12.65 10.13 -46.72
C TRP B 106 -14.16 9.97 -46.71
N SER B 107 -14.63 8.91 -46.06
CA SER B 107 -16.06 8.64 -46.00
C SER B 107 -16.78 9.74 -45.22
N GLY B 108 -17.92 10.18 -45.74
CA GLY B 108 -18.74 11.14 -45.03
C GLY B 108 -19.15 10.67 -43.64
N SER B 109 -19.18 9.35 -43.43
CA SER B 109 -19.43 8.78 -42.12
C SER B 109 -18.28 9.01 -41.14
N THR B 110 -17.11 9.43 -41.62
CA THR B 110 -16.02 9.79 -40.74
C THR B 110 -16.41 10.96 -39.83
N GLU B 111 -16.14 10.81 -38.54
CA GLU B 111 -16.31 11.92 -37.62
C GLU B 111 -15.40 13.09 -38.02
N ILE B 112 -15.80 14.31 -37.65
CA ILE B 112 -14.96 15.46 -37.91
C ILE B 112 -13.66 15.35 -37.11
N GLY B 113 -13.79 15.24 -35.78
CA GLY B 113 -12.61 15.19 -34.93
C GLY B 113 -11.72 14.00 -35.25
N ASP B 114 -12.32 12.82 -35.40
CA ASP B 114 -11.56 11.63 -35.78
C ASP B 114 -10.86 11.80 -37.12
N PHE B 115 -11.41 12.66 -37.98
CA PHE B 115 -10.83 12.84 -39.32
C PHE B 115 -9.54 13.65 -39.25
N ILE B 116 -9.60 14.84 -38.66
CA ILE B 116 -8.45 15.74 -38.70
C ILE B 116 -7.29 15.20 -37.88
N ARG B 117 -7.57 14.33 -36.91
CA ARG B 117 -6.50 13.71 -36.13
C ARG B 117 -5.59 12.86 -37.01
N ASP B 118 -6.14 12.29 -38.09
CA ASP B 118 -5.32 11.61 -39.08
C ASP B 118 -4.50 12.59 -39.92
N ALA B 119 -4.96 13.83 -40.06
CA ALA B 119 -4.26 14.85 -40.83
C ALA B 119 -3.30 15.67 -39.98
N ALA B 120 -2.92 15.18 -38.79
CA ALA B 120 -2.04 15.95 -37.93
C ALA B 120 -0.68 16.21 -38.57
N ARG B 121 -0.15 15.23 -39.31
CA ARG B 121 1.22 15.37 -39.82
C ARG B 121 1.27 16.37 -40.98
N GLY B 122 0.42 16.18 -41.99
CA GLY B 122 0.27 17.17 -43.03
C GLY B 122 -0.70 18.26 -42.61
N ARG B 123 -0.17 19.43 -42.25
CA ARG B 123 -0.94 20.47 -41.56
C ARG B 123 -1.98 21.13 -42.45
N GLU B 124 -2.46 20.43 -43.47
CA GLU B 124 -3.51 20.95 -44.34
C GLU B 124 -4.14 19.78 -45.08
N PHE B 125 -5.37 19.98 -45.54
CA PHE B 125 -6.09 18.97 -46.27
C PHE B 125 -6.91 19.62 -47.37
N SER B 126 -7.29 18.82 -48.36
CA SER B 126 -8.03 19.29 -49.52
C SER B 126 -9.53 19.23 -49.26
N VAL B 127 -10.29 19.88 -50.13
CA VAL B 127 -11.75 19.82 -50.12
C VAL B 127 -12.24 20.16 -51.52
N THR B 128 -12.87 19.19 -52.18
CA THR B 128 -13.40 19.38 -53.52
C THR B 128 -14.84 19.84 -53.44
N ILE B 129 -15.15 20.92 -54.15
CA ILE B 129 -16.52 21.37 -54.34
C ILE B 129 -16.87 21.15 -55.80
N GLU B 130 -18.16 21.06 -56.08
CA GLU B 130 -18.62 20.84 -57.44
C GLU B 130 -18.33 22.06 -58.32
N GLY B 131 -18.85 22.04 -59.54
CA GLY B 131 -18.67 23.15 -60.46
C GLY B 131 -17.24 23.36 -60.93
N HIS B 132 -16.40 23.96 -60.09
CA HIS B 132 -15.05 24.33 -60.48
C HIS B 132 -14.04 23.42 -59.79
N ALA B 133 -13.06 22.94 -60.56
CA ALA B 133 -11.94 22.16 -60.04
C ALA B 133 -10.90 23.01 -59.34
N GLU B 134 -11.33 24.08 -58.68
CA GLU B 134 -10.44 24.92 -57.87
C GLU B 134 -10.64 24.51 -56.41
N GLU B 135 -9.91 23.48 -55.99
CA GLU B 135 -10.01 23.01 -54.61
C GLU B 135 -9.47 24.06 -53.65
N LEU B 136 -10.04 24.08 -52.45
CA LEU B 136 -9.55 24.91 -51.38
C LEU B 136 -8.75 24.06 -50.40
N ARG B 137 -7.81 24.70 -49.71
CA ARG B 137 -7.03 24.03 -48.68
C ARG B 137 -7.21 24.77 -47.36
N VAL B 138 -7.33 24.01 -46.28
CA VAL B 138 -7.62 24.54 -44.95
C VAL B 138 -6.39 24.33 -44.07
N ALA B 139 -6.11 25.31 -43.22
CA ALA B 139 -5.00 25.19 -42.29
C ALA B 139 -5.37 24.26 -41.14
N VAL B 140 -4.46 23.36 -40.79
CA VAL B 140 -4.60 22.50 -39.61
C VAL B 140 -3.70 23.07 -38.53
N PRO B 141 -4.23 23.45 -37.37
CA PRO B 141 -3.37 24.03 -36.32
C PRO B 141 -2.27 23.06 -35.91
N SER B 142 -1.06 23.61 -35.73
CA SER B 142 0.03 22.77 -35.27
C SER B 142 -0.22 22.33 -33.83
N PHE B 143 0.62 21.39 -33.37
CA PHE B 143 0.43 20.77 -32.05
C PHE B 143 0.30 21.82 -30.95
N LYS B 144 1.22 22.77 -30.91
CA LYS B 144 1.17 23.81 -29.88
C LYS B 144 -0.12 24.61 -29.96
N ASP B 145 -0.62 24.85 -31.17
CA ASP B 145 -1.84 25.63 -31.34
C ASP B 145 -3.05 24.89 -30.79
N ARG B 146 -3.11 23.57 -31.00
CA ARG B 146 -4.26 22.81 -30.54
C ARG B 146 -4.20 22.50 -29.05
N THR B 147 -3.07 21.98 -28.57
CA THR B 147 -2.94 21.61 -27.17
C THR B 147 -2.93 22.79 -26.22
N TYR B 148 -2.77 24.02 -26.73
CA TYR B 148 -2.57 25.20 -25.89
C TYR B 148 -3.64 25.31 -24.81
N TYR B 149 -4.92 25.49 -25.21
CA TYR B 149 -5.97 25.72 -24.24
C TYR B 149 -6.07 24.58 -23.23
N MET B 150 -5.63 23.38 -23.62
CA MET B 150 -5.48 22.31 -22.63
C MET B 150 -4.26 22.54 -21.76
N ARG B 151 -3.11 22.82 -22.37
CA ARG B 151 -1.87 22.99 -21.62
C ARG B 151 -1.98 24.17 -20.66
N MET B 152 -2.75 25.20 -21.03
CA MET B 152 -2.98 26.31 -20.13
C MET B 152 -3.77 25.87 -18.90
N ARG B 153 -4.69 24.92 -19.08
CA ARG B 153 -5.46 24.42 -17.95
C ARG B 153 -4.64 23.46 -17.10
N LEU B 154 -3.81 22.63 -17.74
CA LEU B 154 -2.94 21.73 -16.99
C LEU B 154 -2.00 22.50 -16.08
N ARG B 155 -1.24 23.45 -16.66
CA ARG B 155 -0.32 24.25 -15.87
C ARG B 155 -1.03 24.93 -14.70
N ARG B 156 -2.19 25.56 -14.98
CA ARG B 156 -3.00 26.12 -13.91
C ARG B 156 -3.33 25.08 -12.86
N MET B 157 -3.81 23.92 -13.29
CA MET B 157 -4.19 22.86 -12.35
C MET B 157 -2.97 22.32 -11.60
N SER B 158 -1.94 21.92 -12.34
CA SER B 158 -0.74 21.39 -11.69
C SER B 158 -0.18 22.39 -10.68
N GLN B 159 -0.15 23.67 -11.04
CA GLN B 159 0.22 24.70 -10.09
C GLN B 159 -0.73 24.73 -8.91
N GLU B 160 -2.04 24.62 -9.18
CA GLU B 160 -3.02 24.55 -8.11
C GLU B 160 -2.78 23.32 -7.23
N ILE B 161 -2.39 22.20 -7.84
CA ILE B 161 -2.01 21.03 -7.05
C ILE B 161 -0.76 21.31 -6.24
N ASP B 162 0.20 22.02 -6.83
CA ASP B 162 1.42 22.40 -6.11
C ASP B 162 1.10 23.23 -4.87
N GLN B 163 -0.02 23.97 -4.91
CA GLN B 163 -0.39 24.83 -3.79
C GLN B 163 -0.96 24.04 -2.62
N MET B 164 -0.63 22.75 -2.52
CA MET B 164 -1.08 21.91 -1.41
C MET B 164 -0.26 20.62 -1.34
N ALA B 171 3.07 14.60 1.72
CA ALA B 171 1.90 14.04 2.39
C ALA B 171 2.31 13.11 3.54
N LYS B 172 2.03 13.55 4.77
CA LYS B 172 2.13 12.67 5.94
C LYS B 172 1.01 11.64 5.98
N TRP B 173 0.14 11.65 4.96
CA TRP B 173 -1.07 10.83 4.95
C TRP B 173 -0.76 9.35 5.15
N ASP B 174 0.13 8.81 4.31
CA ASP B 174 0.41 7.38 4.33
C ASP B 174 0.88 6.91 5.70
N GLN B 175 1.77 7.68 6.34
CA GLN B 175 2.27 7.29 7.65
C GLN B 175 1.16 7.37 8.70
N LEU B 176 0.42 8.48 8.72
CA LEU B 176 -0.72 8.64 9.62
C LEU B 176 -1.66 7.43 9.57
N VAL B 177 -2.19 7.15 8.38
CA VAL B 177 -3.12 6.01 8.21
C VAL B 177 -2.49 4.73 8.72
N HIS B 178 -1.28 4.41 8.25
CA HIS B 178 -0.60 3.20 8.71
C HIS B 178 -0.37 3.23 10.22
N ASP B 179 0.24 4.32 10.72
CA ASP B 179 0.51 4.42 12.15
C ASP B 179 -0.77 4.31 12.96
N ALA B 180 -1.88 4.80 12.41
CA ALA B 180 -3.17 4.65 13.09
C ALA B 180 -3.61 3.19 13.11
N ASN B 181 -3.60 2.52 11.96
CA ASN B 181 -3.97 1.10 11.88
C ASN B 181 -3.23 0.28 12.92
N GLY B 182 -1.93 0.52 13.09
CA GLY B 182 -1.19 -0.18 14.12
C GLY B 182 -1.74 0.08 15.50
N LEU B 183 -1.90 1.36 15.86
CA LEU B 183 -2.50 1.71 17.15
C LEU B 183 -3.86 1.07 17.33
N ARG B 184 -4.76 1.27 16.36
CA ARG B 184 -6.06 0.61 16.38
C ARG B 184 -5.91 -0.88 16.62
N ARG B 185 -4.97 -1.50 15.90
CA ARG B 185 -4.67 -2.91 16.12
C ARG B 185 -4.04 -3.13 17.49
N GLU B 186 -3.15 -2.23 17.91
CA GLU B 186 -2.44 -2.40 19.18
C GLU B 186 -3.39 -2.32 20.37
N ILE B 187 -4.51 -1.61 20.24
CA ILE B 187 -5.45 -1.48 21.34
C ILE B 187 -6.50 -2.60 21.30
N LYS B 188 -6.96 -2.94 20.09
CA LYS B 188 -7.84 -4.10 19.92
C LYS B 188 -7.27 -5.31 20.64
N PHE B 189 -5.98 -5.58 20.44
CA PHE B 189 -5.28 -6.61 21.20
C PHE B 189 -5.35 -6.35 22.69
N ALA B 190 -5.09 -5.11 23.12
CA ALA B 190 -5.10 -4.79 24.53
C ALA B 190 -6.45 -5.09 25.16
N ALA B 191 -7.54 -4.81 24.44
CA ALA B 191 -8.88 -5.11 24.95
C ALA B 191 -9.05 -6.61 25.18
N THR B 192 -8.73 -7.41 24.16
CA THR B 192 -8.90 -8.86 24.26
C THR B 192 -8.06 -9.44 25.40
N GLU B 193 -6.79 -9.06 25.47
CA GLU B 193 -5.92 -9.55 26.54
C GLU B 193 -6.50 -9.23 27.91
N TYR B 194 -7.13 -8.08 28.06
CA TYR B 194 -7.85 -7.71 29.26
C TYR B 194 -9.26 -8.28 29.31
N GLY B 195 -9.68 -8.99 28.26
CA GLY B 195 -11.05 -9.46 28.19
C GLY B 195 -12.08 -8.36 28.25
N VAL B 196 -11.88 -7.28 27.49
CA VAL B 196 -12.76 -6.12 27.53
C VAL B 196 -13.20 -5.80 26.11
N GLU B 197 -14.41 -5.23 26.00
CA GLU B 197 -14.87 -4.65 24.76
C GLU B 197 -14.41 -3.18 24.69
N TRP B 198 -14.12 -2.72 23.48
CA TRP B 198 -13.57 -1.39 23.29
C TRP B 198 -14.28 -0.71 22.13
N ASP B 199 -14.77 0.52 22.37
CA ASP B 199 -15.48 1.29 21.37
C ASP B 199 -14.88 2.68 21.26
N GLU B 200 -15.04 3.29 20.10
CA GLU B 200 -14.58 4.66 19.87
C GLU B 200 -15.74 5.64 19.90
N MET C 3 -49.71 -11.43 -32.84
CA MET C 3 -50.09 -12.10 -31.61
C MET C 3 -50.00 -13.61 -31.79
N MET C 4 -48.94 -14.04 -32.46
CA MET C 4 -48.73 -15.44 -32.78
C MET C 4 -48.57 -16.28 -31.50
N ALA C 5 -48.96 -17.55 -31.59
CA ALA C 5 -48.93 -18.42 -30.43
C ALA C 5 -47.50 -18.84 -30.07
N THR C 6 -46.68 -19.17 -31.06
CA THR C 6 -45.32 -19.61 -30.80
C THR C 6 -44.42 -18.42 -30.50
N LYS C 7 -43.67 -18.52 -29.41
CA LYS C 7 -42.79 -17.44 -28.97
C LYS C 7 -41.38 -17.67 -29.49
N GLY C 8 -40.66 -16.56 -29.68
CA GLY C 8 -39.25 -16.63 -29.99
C GLY C 8 -38.39 -16.39 -28.77
N ARG C 9 -37.12 -16.77 -28.88
CA ARG C 9 -36.17 -16.59 -27.79
C ARG C 9 -34.87 -16.07 -28.37
N LEU C 10 -34.12 -15.31 -27.59
CA LEU C 10 -32.72 -15.04 -27.87
C LEU C 10 -31.91 -15.58 -26.69
N LEU C 11 -30.86 -16.32 -26.99
CA LEU C 11 -30.02 -16.91 -25.98
C LEU C 11 -28.65 -16.26 -25.98
N THR C 12 -27.98 -16.31 -24.85
CA THR C 12 -26.64 -15.78 -24.74
C THR C 12 -25.61 -16.81 -25.16
N THR C 13 -24.45 -16.32 -25.57
CA THR C 13 -23.29 -17.11 -25.92
C THR C 13 -22.13 -16.75 -25.01
N PRO C 14 -21.17 -17.65 -24.81
CA PRO C 14 -20.00 -17.28 -23.97
C PRO C 14 -19.20 -16.12 -24.51
N THR C 15 -19.50 -15.66 -25.73
CA THR C 15 -18.91 -14.49 -26.33
C THR C 15 -19.87 -13.31 -26.24
N ARG C 16 -19.61 -12.27 -27.04
CA ARG C 16 -20.48 -11.10 -27.09
C ARG C 16 -21.73 -11.33 -27.93
N LEU C 17 -21.76 -12.40 -28.72
CA LEU C 17 -22.83 -12.59 -29.70
C LEU C 17 -24.08 -13.16 -29.03
N LEU C 18 -25.21 -12.92 -29.70
CA LEU C 18 -26.51 -13.44 -29.29
C LEU C 18 -27.07 -14.21 -30.47
N LYS C 19 -27.56 -15.43 -30.22
CA LYS C 19 -28.31 -16.12 -31.25
C LYS C 19 -29.79 -15.86 -31.03
N LEU C 20 -30.44 -15.30 -32.04
CA LEU C 20 -31.87 -15.00 -32.01
C LEU C 20 -32.63 -16.15 -32.65
N ILE C 21 -33.67 -16.62 -31.96
CA ILE C 21 -34.44 -17.77 -32.40
C ILE C 21 -35.86 -17.32 -32.67
N LEU C 22 -36.31 -17.49 -33.91
CA LEU C 22 -37.55 -16.89 -34.37
C LEU C 22 -38.43 -17.94 -35.02
N PRO C 23 -39.70 -18.04 -34.63
CA PRO C 23 -40.66 -18.87 -35.36
C PRO C 23 -41.08 -18.18 -36.64
N ILE C 24 -40.72 -18.77 -37.78
CA ILE C 24 -40.97 -18.16 -39.09
C ILE C 24 -42.22 -18.82 -39.68
N PRO C 25 -43.31 -18.07 -39.86
CA PRO C 25 -44.59 -18.69 -40.24
C PRO C 25 -44.79 -18.85 -41.73
N PHE C 26 -43.73 -19.19 -42.47
CA PHE C 26 -43.83 -19.35 -43.91
C PHE C 26 -43.25 -20.68 -44.31
N HIS C 27 -43.83 -21.28 -45.32
CA HIS C 27 -43.28 -22.54 -45.79
C HIS C 27 -42.03 -22.25 -46.61
N PRO C 28 -40.95 -23.01 -46.41
CA PRO C 28 -39.69 -22.71 -47.11
C PRO C 28 -39.81 -22.64 -48.63
N GLU C 29 -40.90 -23.15 -49.21
CA GLU C 29 -41.15 -23.11 -50.63
C GLU C 29 -42.20 -22.07 -51.02
N GLN C 30 -42.74 -21.34 -50.04
CA GLN C 30 -43.68 -20.26 -50.32
C GLN C 30 -42.93 -19.08 -50.95
N GLU C 31 -43.50 -18.53 -52.02
CA GLU C 31 -42.83 -17.50 -52.79
C GLU C 31 -43.30 -16.08 -52.51
N TYR C 32 -44.49 -15.89 -51.93
CA TYR C 32 -45.00 -14.55 -51.64
C TYR C 32 -45.75 -14.60 -50.31
N ILE C 33 -46.42 -13.50 -49.98
CA ILE C 33 -47.26 -13.41 -48.79
C ILE C 33 -48.63 -12.89 -49.19
N ASP C 46 -51.07 -21.89 -38.66
CA ASP C 46 -50.80 -22.11 -37.25
C ASP C 46 -49.67 -23.13 -37.07
N ALA C 47 -48.97 -23.42 -38.16
CA ALA C 47 -47.77 -24.22 -38.14
C ALA C 47 -46.59 -23.37 -38.60
N VAL C 48 -45.39 -23.70 -38.13
CA VAL C 48 -44.25 -22.80 -38.18
C VAL C 48 -42.98 -23.57 -38.50
N GLU C 49 -41.92 -22.84 -38.85
CA GLU C 49 -40.60 -23.40 -39.05
C GLU C 49 -39.56 -22.49 -38.39
N PRO C 50 -38.49 -23.06 -37.85
CA PRO C 50 -37.57 -22.29 -37.00
C PRO C 50 -36.42 -21.63 -37.76
N LEU C 51 -35.82 -20.66 -37.08
CA LEU C 51 -34.71 -19.88 -37.64
C LEU C 51 -33.80 -19.43 -36.51
N ALA C 52 -32.50 -19.64 -36.69
CA ALA C 52 -31.49 -19.27 -35.70
C ALA C 52 -30.50 -18.29 -36.33
N LEU C 53 -30.39 -17.10 -35.75
CA LEU C 53 -29.53 -16.04 -36.26
C LEU C 53 -28.53 -15.62 -35.20
N LEU C 54 -27.25 -15.60 -35.57
CA LEU C 54 -26.21 -15.03 -34.72
C LEU C 54 -26.05 -13.56 -35.05
N VAL C 55 -26.18 -12.70 -34.03
CA VAL C 55 -26.14 -11.26 -34.21
C VAL C 55 -25.13 -10.66 -33.25
N HIS C 56 -24.59 -9.51 -33.62
CA HIS C 56 -23.59 -8.81 -32.81
C HIS C 56 -24.27 -7.64 -32.10
N PRO C 57 -24.06 -7.47 -30.79
CA PRO C 57 -24.86 -6.50 -30.03
C PRO C 57 -24.77 -5.08 -30.54
N GLN C 58 -23.73 -4.73 -31.29
CA GLN C 58 -23.59 -3.41 -31.87
C GLN C 58 -24.21 -3.29 -33.25
N GLN C 59 -24.62 -4.40 -33.85
CA GLN C 59 -25.36 -4.30 -35.11
C GLN C 59 -26.66 -3.54 -34.88
N PRO C 60 -27.10 -2.74 -35.84
CA PRO C 60 -28.37 -2.03 -35.68
C PRO C 60 -29.55 -2.93 -36.02
N LEU C 61 -30.70 -2.57 -35.43
CA LEU C 61 -31.94 -3.28 -35.73
C LEU C 61 -32.21 -3.34 -37.23
N SER C 62 -31.77 -2.33 -37.98
CA SER C 62 -31.89 -2.36 -39.43
C SER C 62 -31.17 -3.56 -40.03
N TYR C 63 -30.05 -3.97 -39.44
CA TYR C 63 -29.34 -5.16 -39.92
C TYR C 63 -30.16 -6.42 -39.66
N LEU C 64 -30.75 -6.53 -38.46
CA LEU C 64 -31.68 -7.62 -38.19
C LEU C 64 -32.79 -7.67 -39.21
N GLU C 65 -33.37 -6.50 -39.55
CA GLU C 65 -34.32 -6.42 -40.64
C GLU C 65 -33.75 -7.01 -41.92
N ARG C 66 -32.54 -6.59 -42.30
CA ARG C 66 -31.90 -7.14 -43.48
C ARG C 66 -31.70 -8.64 -43.37
N LEU C 67 -31.30 -9.12 -42.19
CA LEU C 67 -31.12 -10.56 -41.99
C LEU C 67 -32.43 -11.31 -42.18
N ILE C 68 -33.49 -10.87 -41.51
CA ILE C 68 -34.76 -11.61 -41.55
C ILE C 68 -35.36 -11.56 -42.95
N GLN C 69 -35.27 -10.40 -43.61
CA GLN C 69 -35.90 -10.21 -44.92
C GLN C 69 -35.36 -11.21 -45.95
N ALA C 70 -34.20 -11.82 -45.68
CA ALA C 70 -33.66 -12.81 -46.61
C ALA C 70 -34.24 -14.19 -46.35
N GLU C 71 -34.51 -14.54 -45.09
CA GLU C 71 -34.99 -15.86 -44.74
C GLU C 71 -36.49 -16.03 -44.94
N ILE C 72 -37.18 -14.99 -45.39
CA ILE C 72 -38.63 -15.04 -45.60
C ILE C 72 -38.92 -14.66 -47.05
N PRO C 73 -40.03 -15.11 -47.64
CA PRO C 73 -40.31 -14.75 -49.04
C PRO C 73 -40.59 -13.27 -49.19
N PRO C 74 -40.46 -12.72 -50.40
CA PRO C 74 -40.70 -11.29 -50.61
C PRO C 74 -42.16 -10.93 -50.39
N LEU C 75 -42.51 -9.70 -50.76
CA LEU C 75 -43.88 -9.21 -50.63
C LEU C 75 -44.38 -8.69 -51.97
N LEU C 76 -45.60 -9.06 -52.32
CA LEU C 76 -46.20 -8.70 -53.60
C LEU C 76 -46.95 -7.38 -53.48
N VAL C 77 -46.59 -6.42 -54.33
CA VAL C 77 -47.33 -5.17 -54.47
C VAL C 77 -47.35 -4.81 -55.96
N LYS C 78 -48.54 -4.52 -56.48
CA LYS C 78 -48.74 -4.08 -57.87
C LYS C 78 -48.20 -5.16 -58.79
N ASP C 79 -47.06 -4.97 -59.45
CA ASP C 79 -46.51 -5.96 -60.36
C ASP C 79 -45.13 -6.46 -59.95
N ARG C 80 -44.59 -6.03 -58.81
CA ARG C 80 -43.24 -6.41 -58.44
C ARG C 80 -43.18 -6.74 -56.95
N GLU C 81 -42.06 -7.35 -56.56
CA GLU C 81 -41.85 -7.84 -55.21
C GLU C 81 -41.11 -6.82 -54.36
N LYS C 82 -41.38 -6.84 -53.06
CA LYS C 82 -40.88 -5.84 -52.12
C LYS C 82 -40.31 -6.53 -50.88
N LEU C 83 -39.22 -5.96 -50.36
CA LEU C 83 -38.71 -6.39 -49.06
C LEU C 83 -39.71 -5.98 -47.98
N PRO C 84 -40.25 -6.94 -47.22
CA PRO C 84 -41.22 -6.59 -46.18
C PRO C 84 -40.56 -5.81 -45.05
N GLU C 85 -41.11 -4.63 -44.76
CA GLU C 85 -40.63 -3.87 -43.61
C GLU C 85 -40.79 -4.68 -42.34
N ILE C 86 -39.84 -4.51 -41.41
CA ILE C 86 -39.85 -5.21 -40.13
C ILE C 86 -39.56 -4.17 -39.07
N ILE C 87 -40.45 -4.05 -38.09
CA ILE C 87 -40.33 -3.03 -37.06
C ILE C 87 -40.33 -3.71 -35.69
N PHE C 88 -39.52 -3.16 -34.78
CA PHE C 88 -39.29 -3.74 -33.47
C PHE C 88 -40.02 -2.90 -32.43
N ARG C 89 -40.86 -3.56 -31.63
CA ARG C 89 -41.64 -2.86 -30.62
C ARG C 89 -41.35 -3.48 -29.25
N ALA C 90 -41.50 -2.66 -28.22
CA ALA C 90 -41.34 -3.11 -26.84
C ALA C 90 -42.13 -2.18 -25.93
N GLU C 91 -42.39 -2.66 -24.72
CA GLU C 91 -43.18 -1.91 -23.75
C GLU C 91 -42.47 -0.63 -23.33
N HIS C 102 -47.77 0.77 -22.21
CA HIS C 102 -48.03 0.85 -23.65
C HIS C 102 -46.79 0.51 -24.47
N TRP C 103 -46.92 0.58 -25.79
CA TRP C 103 -45.94 0.01 -26.71
C TRP C 103 -45.30 1.10 -27.57
N VAL C 104 -44.00 0.96 -27.83
CA VAL C 104 -43.22 1.96 -28.54
C VAL C 104 -42.51 1.31 -29.72
N ARG C 105 -42.24 2.11 -30.74
CA ARG C 105 -41.48 1.68 -31.91
C ARG C 105 -40.04 2.17 -31.78
N TRP C 106 -39.09 1.31 -32.10
CA TRP C 106 -37.67 1.60 -31.93
C TRP C 106 -37.02 1.89 -33.27
N SER C 107 -36.08 2.83 -33.28
CA SER C 107 -35.40 3.22 -34.51
C SER C 107 -34.45 2.11 -34.96
N GLY C 108 -34.56 1.73 -36.24
CA GLY C 108 -33.72 0.69 -36.79
C GLY C 108 -32.23 0.98 -36.72
N SER C 109 -31.85 2.21 -36.41
CA SER C 109 -30.45 2.54 -36.15
C SER C 109 -30.01 2.16 -34.75
N THR C 110 -30.96 1.82 -33.86
CA THR C 110 -30.59 1.39 -32.51
C THR C 110 -29.78 0.10 -32.56
N GLU C 111 -28.69 0.07 -31.81
CA GLU C 111 -27.90 -1.15 -31.71
C GLU C 111 -28.71 -2.26 -31.07
N ILE C 112 -28.47 -3.50 -31.51
CA ILE C 112 -29.25 -4.64 -31.03
C ILE C 112 -29.06 -4.82 -29.53
N GLY C 113 -27.80 -4.95 -29.10
CA GLY C 113 -27.54 -5.17 -27.67
C GLY C 113 -28.07 -4.04 -26.80
N ASP C 114 -28.06 -2.81 -27.31
CA ASP C 114 -28.67 -1.71 -26.59
C ASP C 114 -30.18 -1.88 -26.49
N PHE C 115 -30.80 -2.33 -27.59
CA PHE C 115 -32.25 -2.56 -27.60
C PHE C 115 -32.65 -3.63 -26.59
N ILE C 116 -31.87 -4.71 -26.50
CA ILE C 116 -32.16 -5.77 -25.54
C ILE C 116 -32.00 -5.27 -24.10
N ARG C 117 -31.04 -4.36 -23.90
CA ARG C 117 -30.80 -3.82 -22.55
C ARG C 117 -32.02 -3.08 -22.03
N ASP C 118 -32.73 -2.37 -22.91
CA ASP C 118 -33.90 -1.60 -22.47
C ASP C 118 -35.10 -2.50 -22.22
N ALA C 119 -35.13 -3.69 -22.80
CA ALA C 119 -36.26 -4.61 -22.67
C ALA C 119 -36.08 -5.60 -21.51
N ALA C 120 -35.24 -5.30 -20.53
CA ALA C 120 -34.94 -6.27 -19.47
C ALA C 120 -36.18 -6.60 -18.65
N ARG C 121 -36.93 -5.58 -18.22
CA ARG C 121 -38.09 -5.81 -17.37
C ARG C 121 -39.28 -6.33 -18.15
N GLY C 122 -39.44 -5.87 -19.39
CA GLY C 122 -40.58 -6.29 -20.20
C GLY C 122 -40.66 -7.80 -20.40
N ARG C 123 -39.51 -8.47 -20.48
CA ARG C 123 -39.38 -9.91 -20.60
C ARG C 123 -40.07 -10.47 -21.85
N GLU C 124 -40.51 -9.62 -22.77
CA GLU C 124 -41.04 -10.00 -24.06
C GLU C 124 -41.09 -8.76 -24.93
N PHE C 125 -40.65 -8.90 -26.19
CA PHE C 125 -40.74 -7.80 -27.14
C PHE C 125 -41.29 -8.33 -28.46
N SER C 126 -41.80 -7.41 -29.28
CA SER C 126 -42.58 -7.73 -30.46
C SER C 126 -41.82 -7.43 -31.75
N VAL C 127 -42.00 -8.31 -32.74
CA VAL C 127 -41.46 -8.13 -34.08
C VAL C 127 -42.65 -8.21 -35.04
N THR C 128 -42.82 -7.19 -35.86
CA THR C 128 -43.98 -7.07 -36.74
C THR C 128 -43.54 -7.13 -38.20
N ILE C 129 -44.10 -8.09 -38.94
CA ILE C 129 -43.78 -8.28 -40.35
C ILE C 129 -44.90 -7.69 -41.19
N GLU C 130 -44.53 -6.95 -42.23
CA GLU C 130 -45.52 -6.36 -43.13
C GLU C 130 -46.28 -7.45 -43.87
N GLY C 131 -47.60 -7.26 -43.99
CA GLY C 131 -48.43 -8.25 -44.64
C GLY C 131 -48.69 -9.49 -43.84
N HIS C 132 -48.30 -9.53 -42.57
CA HIS C 132 -48.54 -10.67 -41.69
C HIS C 132 -49.22 -10.16 -40.43
N ALA C 133 -50.51 -10.46 -40.29
CA ALA C 133 -51.31 -9.84 -39.24
C ALA C 133 -50.84 -10.24 -37.85
N GLU C 134 -50.34 -11.46 -37.69
CA GLU C 134 -49.83 -11.92 -36.40
C GLU C 134 -48.39 -11.48 -36.24
N GLU C 135 -48.12 -10.71 -35.19
CA GLU C 135 -46.76 -10.31 -34.89
C GLU C 135 -46.02 -11.44 -34.17
N LEU C 136 -44.70 -11.29 -34.12
CA LEU C 136 -43.83 -12.23 -33.44
C LEU C 136 -43.37 -11.62 -32.12
N ARG C 137 -43.40 -12.42 -31.05
CA ARG C 137 -42.98 -11.95 -29.73
C ARG C 137 -41.84 -12.82 -29.24
N VAL C 138 -40.75 -12.18 -28.85
CA VAL C 138 -39.53 -12.87 -28.42
C VAL C 138 -39.42 -12.77 -26.91
N ALA C 139 -39.22 -13.91 -26.26
CA ALA C 139 -39.03 -13.95 -24.81
C ALA C 139 -37.69 -13.32 -24.48
N VAL C 140 -37.72 -12.20 -23.76
CA VAL C 140 -36.47 -11.56 -23.32
C VAL C 140 -35.83 -12.40 -22.22
N PRO C 141 -34.54 -12.72 -22.30
CA PRO C 141 -33.96 -13.65 -21.33
C PRO C 141 -33.94 -13.08 -19.92
N SER C 142 -34.26 -13.96 -18.95
CA SER C 142 -34.14 -13.60 -17.56
C SER C 142 -32.73 -13.13 -17.24
N PHE C 143 -32.58 -12.48 -16.09
CA PHE C 143 -31.25 -12.07 -15.62
C PHE C 143 -30.30 -13.26 -15.57
N LYS C 144 -30.76 -14.37 -14.99
CA LYS C 144 -29.91 -15.55 -14.86
C LYS C 144 -29.47 -16.08 -16.22
N ASP C 145 -30.42 -16.16 -17.17
CA ASP C 145 -30.09 -16.64 -18.51
C ASP C 145 -29.14 -15.68 -19.23
N ARG C 146 -29.34 -14.37 -19.03
CA ARG C 146 -28.53 -13.42 -19.78
C ARG C 146 -27.10 -13.36 -19.26
N THR C 147 -26.90 -13.59 -17.96
CA THR C 147 -25.59 -13.52 -17.33
C THR C 147 -25.01 -14.89 -17.02
N TYR C 148 -25.46 -15.94 -17.71
CA TYR C 148 -25.03 -17.30 -17.35
C TYR C 148 -23.54 -17.50 -17.56
N TYR C 149 -23.05 -17.27 -18.79
CA TYR C 149 -21.65 -17.56 -19.10
C TYR C 149 -20.70 -16.66 -18.32
N MET C 150 -21.06 -15.38 -18.16
CA MET C 150 -20.23 -14.49 -17.36
C MET C 150 -20.14 -14.95 -15.91
N ARG C 151 -21.30 -15.22 -15.28
CA ARG C 151 -21.28 -15.67 -13.90
C ARG C 151 -20.57 -17.01 -13.75
N MET C 152 -20.58 -17.85 -14.79
CA MET C 152 -19.90 -19.13 -14.72
C MET C 152 -18.40 -18.95 -14.91
N ARG C 153 -17.99 -18.07 -15.83
CA ARG C 153 -16.57 -17.78 -15.99
C ARG C 153 -15.99 -17.16 -14.73
N LEU C 154 -16.71 -16.20 -14.13
CA LEU C 154 -16.28 -15.59 -12.88
C LEU C 154 -16.04 -16.65 -11.81
N ARG C 155 -16.98 -17.57 -11.65
CA ARG C 155 -16.80 -18.71 -10.74
C ARG C 155 -15.45 -19.39 -10.98
N ARG C 156 -15.11 -19.61 -12.25
CA ARG C 156 -13.84 -20.25 -12.57
C ARG C 156 -12.66 -19.36 -12.25
N MET C 157 -12.63 -18.16 -12.83
CA MET C 157 -11.54 -17.20 -12.57
C MET C 157 -11.32 -17.00 -11.08
N SER C 158 -12.42 -16.92 -10.32
CA SER C 158 -12.30 -16.79 -8.86
C SER C 158 -11.66 -18.03 -8.26
N GLN C 159 -12.00 -19.21 -8.77
CA GLN C 159 -11.39 -20.45 -8.26
C GLN C 159 -9.91 -20.51 -8.59
N GLU C 160 -9.52 -20.08 -9.80
CA GLU C 160 -8.12 -20.12 -10.18
C GLU C 160 -7.27 -19.18 -9.32
N ILE C 161 -7.84 -18.03 -8.92
CA ILE C 161 -7.09 -17.08 -8.10
C ILE C 161 -6.82 -17.66 -6.72
N ASP C 162 -7.81 -18.31 -6.11
CA ASP C 162 -7.61 -18.94 -4.81
C ASP C 162 -6.53 -20.01 -4.84
N GLN C 163 -6.22 -20.57 -6.01
CA GLN C 163 -5.10 -21.47 -6.16
C GLN C 163 -3.85 -20.69 -6.59
N MET C 164 -3.59 -19.57 -5.91
CA MET C 164 -2.47 -18.71 -6.22
C MET C 164 -2.23 -17.70 -5.10
N GLU C 170 0.87 -14.88 -1.43
CA GLU C 170 1.16 -13.62 -2.10
C GLU C 170 0.75 -12.44 -1.19
N ALA C 171 0.24 -12.79 0.00
CA ALA C 171 -0.13 -11.76 0.97
C ALA C 171 1.09 -11.10 1.58
N LYS C 172 2.20 -11.83 1.65
CA LYS C 172 3.45 -11.33 2.21
C LYS C 172 4.12 -10.29 1.33
N TRP C 173 3.65 -10.13 0.09
CA TRP C 173 4.28 -9.23 -0.87
C TRP C 173 4.39 -7.82 -0.32
N ASP C 174 3.25 -7.23 0.05
CA ASP C 174 3.20 -5.83 0.47
C ASP C 174 4.19 -5.54 1.59
N GLN C 175 4.15 -6.35 2.65
CA GLN C 175 5.11 -6.19 3.74
C GLN C 175 6.54 -6.45 3.26
N LEU C 176 6.73 -7.42 2.37
CA LEU C 176 8.07 -7.80 1.95
C LEU C 176 8.77 -6.67 1.22
N VAL C 177 8.18 -6.18 0.12
CA VAL C 177 8.80 -5.11 -0.65
C VAL C 177 8.97 -3.86 0.21
N HIS C 178 8.09 -3.67 1.21
CA HIS C 178 8.30 -2.57 2.14
C HIS C 178 9.50 -2.84 3.05
N ASP C 179 9.68 -4.10 3.48
CA ASP C 179 10.84 -4.46 4.28
C ASP C 179 12.14 -4.26 3.50
N ALA C 180 12.13 -4.61 2.21
CA ALA C 180 13.34 -4.48 1.39
C ALA C 180 13.78 -3.04 1.26
N ASN C 181 12.86 -2.16 0.80
CA ASN C 181 13.21 -0.76 0.58
C ASN C 181 13.75 -0.11 1.85
N GLY C 182 13.27 -0.54 3.02
CA GLY C 182 13.87 -0.09 4.26
C GLY C 182 15.31 -0.53 4.39
N LEU C 183 15.58 -1.82 4.11
CA LEU C 183 16.94 -2.34 4.23
C LEU C 183 17.88 -1.67 3.23
N ARG C 184 17.48 -1.63 1.95
CA ARG C 184 18.21 -0.85 0.94
C ARG C 184 18.59 0.53 1.48
N ARG C 185 17.67 1.18 2.18
CA ARG C 185 17.93 2.50 2.73
C ARG C 185 18.98 2.43 3.85
N GLU C 186 18.85 1.44 4.73
CA GLU C 186 19.81 1.32 5.83
C GLU C 186 21.22 1.02 5.32
N ILE C 187 21.32 0.18 4.29
CA ILE C 187 22.64 -0.17 3.75
C ILE C 187 23.26 1.02 3.03
N LYS C 188 22.48 1.71 2.20
CA LYS C 188 22.95 2.96 1.61
C LYS C 188 23.44 3.93 2.68
N PHE C 189 22.68 4.04 3.77
CA PHE C 189 23.06 4.93 4.86
C PHE C 189 24.37 4.49 5.50
N ALA C 190 24.53 3.19 5.74
CA ALA C 190 25.79 2.68 6.29
C ALA C 190 26.96 3.01 5.39
N ALA C 191 26.72 3.10 4.08
CA ALA C 191 27.80 3.45 3.15
C ALA C 191 28.21 4.90 3.30
N THR C 192 27.24 5.82 3.29
CA THR C 192 27.55 7.25 3.41
C THR C 192 28.28 7.55 4.73
N GLU C 193 27.83 6.94 5.82
CA GLU C 193 28.50 7.15 7.11
C GLU C 193 29.89 6.53 7.10
N TYR C 194 30.03 5.34 6.52
CA TYR C 194 31.35 4.73 6.35
C TYR C 194 32.14 5.37 5.21
N GLY C 195 31.53 6.28 4.45
CA GLY C 195 32.22 6.96 3.39
C GLY C 195 32.73 6.06 2.28
N VAL C 196 31.93 5.09 1.85
CA VAL C 196 32.29 4.20 0.75
C VAL C 196 31.15 4.24 -0.27
N GLU C 197 31.45 3.78 -1.49
CA GLU C 197 30.45 3.76 -2.53
C GLU C 197 29.43 2.65 -2.28
N TRP C 198 28.28 2.76 -2.94
CA TRP C 198 27.12 1.91 -2.74
C TRP C 198 27.43 0.45 -3.13
N ASP C 199 26.41 -0.40 -3.07
CA ASP C 199 26.55 -1.83 -3.31
C ASP C 199 25.83 -2.21 -4.59
N GLU C 200 26.22 -3.35 -5.16
CA GLU C 200 25.61 -3.84 -6.40
C GLU C 200 24.51 -4.86 -6.10
N MET D 4 31.89 -33.92 30.23
CA MET D 4 30.98 -34.90 30.80
C MET D 4 30.36 -35.77 29.71
N ALA D 5 30.09 -37.03 30.04
CA ALA D 5 29.50 -37.95 29.08
C ALA D 5 28.06 -37.58 28.75
N THR D 6 27.31 -37.09 29.74
CA THR D 6 25.90 -36.76 29.52
C THR D 6 25.75 -35.34 28.99
N LYS D 7 25.03 -35.21 27.87
CA LYS D 7 24.76 -33.92 27.26
C LYS D 7 23.43 -33.37 27.75
N GLY D 8 23.38 -32.05 27.90
CA GLY D 8 22.13 -31.37 28.17
C GLY D 8 21.54 -30.75 26.93
N ARG D 9 20.23 -30.48 26.98
CA ARG D 9 19.54 -29.87 25.86
C ARG D 9 18.77 -28.66 26.37
N LEU D 10 18.61 -27.67 25.50
CA LEU D 10 17.65 -26.59 25.74
C LEU D 10 16.59 -26.67 24.65
N LEU D 11 15.33 -26.69 25.07
CA LEU D 11 14.20 -26.86 24.16
C LEU D 11 13.41 -25.56 24.07
N THR D 12 12.86 -25.32 22.89
CA THR D 12 12.00 -24.16 22.69
C THR D 12 10.60 -24.44 23.20
N THR D 13 9.88 -23.37 23.51
CA THR D 13 8.49 -23.41 23.90
C THR D 13 7.69 -22.54 22.93
N PRO D 14 6.38 -22.76 22.79
CA PRO D 14 5.59 -21.91 21.90
C PRO D 14 5.60 -20.44 22.32
N THR D 15 5.94 -20.14 23.56
CA THR D 15 6.10 -18.78 24.04
C THR D 15 7.53 -18.31 23.81
N ARG D 16 7.87 -17.17 24.41
CA ARG D 16 9.24 -16.65 24.35
C ARG D 16 10.20 -17.42 25.23
N LEU D 17 9.69 -18.23 26.16
CA LEU D 17 10.51 -18.87 27.17
C LEU D 17 11.23 -20.09 26.60
N LEU D 18 12.36 -20.41 27.21
CA LEU D 18 13.15 -21.60 26.88
C LEU D 18 13.21 -22.45 28.13
N LYS D 19 13.21 -23.77 27.96
CA LYS D 19 13.54 -24.65 29.08
C LYS D 19 14.89 -25.30 28.83
N LEU D 20 15.71 -25.33 29.87
CA LEU D 20 17.06 -25.87 29.81
C LEU D 20 17.11 -27.16 30.63
N ILE D 21 17.58 -28.23 30.01
CA ILE D 21 17.60 -29.54 30.64
C ILE D 21 19.05 -29.87 30.96
N LEU D 22 19.35 -30.08 32.23
CA LEU D 22 20.73 -30.19 32.65
C LEU D 22 20.99 -31.48 33.40
N PRO D 23 22.10 -32.16 33.11
CA PRO D 23 22.52 -33.34 33.89
C PRO D 23 23.28 -32.90 35.13
N ILE D 24 22.61 -32.92 36.27
CA ILE D 24 23.19 -32.46 37.53
C ILE D 24 23.99 -33.61 38.13
N PRO D 25 25.33 -33.52 38.18
CA PRO D 25 26.13 -34.64 38.67
C PRO D 25 26.28 -34.67 40.18
N PHE D 26 25.18 -34.47 40.90
CA PHE D 26 25.21 -34.48 42.36
C PHE D 26 24.02 -35.27 42.86
N HIS D 27 24.23 -36.00 43.94
CA HIS D 27 23.06 -36.66 44.48
C HIS D 27 22.19 -35.64 45.21
N PRO D 28 20.87 -35.71 45.06
CA PRO D 28 19.99 -34.70 45.70
C PRO D 28 20.21 -34.55 47.20
N GLU D 29 20.76 -35.55 47.88
CA GLU D 29 21.04 -35.49 49.31
C GLU D 29 22.50 -35.19 49.60
N GLN D 30 23.32 -35.02 48.57
CA GLN D 30 24.72 -34.67 48.77
C GLN D 30 24.83 -33.25 49.32
N GLU D 31 25.71 -33.07 50.31
CA GLU D 31 25.73 -31.87 51.13
C GLU D 31 26.78 -30.84 50.74
N TYR D 32 27.78 -31.21 49.95
CA TYR D 32 28.85 -30.29 49.57
C TYR D 32 29.58 -30.85 48.35
N ILE D 33 30.70 -30.23 48.00
CA ILE D 33 31.52 -30.68 46.88
C ILE D 33 32.98 -30.75 47.32
N GLU D 49 21.50 -37.08 37.04
CA GLU D 49 20.27 -36.56 37.62
C GLU D 49 19.80 -35.32 36.84
N PRO D 50 18.51 -35.29 36.49
CA PRO D 50 18.03 -34.25 35.57
C PRO D 50 17.57 -32.98 36.25
N LEU D 51 17.39 -31.92 35.47
CA LEU D 51 16.96 -30.62 35.96
C LEU D 51 16.38 -29.82 34.81
N ALA D 52 15.15 -29.34 34.99
CA ALA D 52 14.44 -28.55 33.98
C ALA D 52 14.27 -27.14 34.50
N LEU D 53 14.65 -26.15 33.69
CA LEU D 53 14.58 -24.75 34.08
C LEU D 53 14.01 -23.91 32.95
N LEU D 54 12.90 -23.22 33.23
CA LEU D 54 12.35 -22.23 32.30
C LEU D 54 13.08 -20.91 32.50
N VAL D 55 13.52 -20.32 31.39
CA VAL D 55 14.27 -19.06 31.43
C VAL D 55 13.65 -18.10 30.41
N HIS D 56 13.68 -16.82 30.74
CA HIS D 56 13.25 -15.80 29.79
C HIS D 56 14.48 -15.32 29.01
N PRO D 57 14.38 -15.19 27.68
CA PRO D 57 15.60 -14.92 26.88
C PRO D 57 16.26 -13.58 27.20
N GLN D 58 15.62 -12.70 27.96
CA GLN D 58 16.25 -11.46 28.37
C GLN D 58 16.84 -11.53 29.77
N GLN D 59 16.58 -12.60 30.52
CA GLN D 59 17.34 -12.84 31.74
C GLN D 59 18.81 -12.95 31.38
N PRO D 60 19.71 -12.39 32.17
CA PRO D 60 21.14 -12.50 31.87
C PRO D 60 21.71 -13.84 32.32
N LEU D 61 22.91 -14.13 31.80
CA LEU D 61 23.62 -15.33 32.20
C LEU D 61 23.81 -15.40 33.71
N SER D 62 24.01 -14.24 34.36
CA SER D 62 24.17 -14.20 35.81
C SER D 62 22.95 -14.79 36.52
N TYR D 63 21.76 -14.59 35.95
CA TYR D 63 20.54 -15.12 36.59
C TYR D 63 20.52 -16.64 36.52
N LEU D 64 20.97 -17.21 35.40
CA LEU D 64 21.09 -18.66 35.28
C LEU D 64 21.97 -19.24 36.38
N GLU D 65 23.20 -18.70 36.52
CA GLU D 65 24.06 -19.06 37.64
C GLU D 65 23.29 -19.08 38.95
N ARG D 66 22.54 -18.01 39.22
CA ARG D 66 21.77 -17.91 40.45
C ARG D 66 20.72 -19.02 40.55
N LEU D 67 20.17 -19.43 39.40
CA LEU D 67 19.24 -20.56 39.40
C LEU D 67 19.97 -21.88 39.66
N ILE D 68 21.01 -22.15 38.88
CA ILE D 68 21.73 -23.42 39.00
C ILE D 68 22.34 -23.54 40.40
N GLN D 69 22.87 -22.43 40.92
CA GLN D 69 23.44 -22.43 42.27
C GLN D 69 22.40 -22.81 43.32
N ALA D 70 21.11 -22.64 43.01
CA ALA D 70 20.07 -22.98 43.97
C ALA D 70 19.80 -24.47 44.00
N GLU D 71 19.91 -25.15 42.86
CA GLU D 71 19.58 -26.57 42.77
C GLU D 71 20.76 -27.48 43.09
N ILE D 72 21.95 -26.94 43.30
CA ILE D 72 23.14 -27.75 43.57
C ILE D 72 23.68 -27.41 44.95
N PRO D 73 24.36 -28.33 45.63
CA PRO D 73 24.89 -28.03 46.97
C PRO D 73 26.01 -27.00 46.91
N PRO D 74 26.38 -26.39 48.04
CA PRO D 74 27.43 -25.37 48.03
C PRO D 74 28.79 -25.97 47.73
N LEU D 75 29.77 -25.09 47.58
CA LEU D 75 31.18 -25.46 47.61
C LEU D 75 31.71 -25.19 49.01
N LEU D 76 32.72 -25.95 49.43
CA LEU D 76 33.21 -25.86 50.80
C LEU D 76 34.62 -25.27 50.80
N VAL D 77 34.70 -23.95 50.99
CA VAL D 77 35.97 -23.27 51.21
C VAL D 77 36.18 -23.18 52.72
N LYS D 78 37.09 -24.02 53.22
CA LYS D 78 37.61 -23.92 54.58
C LYS D 78 36.52 -24.16 55.62
N ASP D 79 35.98 -23.11 56.21
CA ASP D 79 35.01 -23.26 57.28
C ASP D 79 33.60 -22.85 56.90
N ARG D 80 33.42 -22.13 55.79
CA ARG D 80 32.09 -21.70 55.39
C ARG D 80 31.82 -22.05 53.93
N GLU D 81 30.53 -22.21 53.62
CA GLU D 81 30.10 -22.71 52.33
C GLU D 81 29.96 -21.58 51.31
N LYS D 82 30.58 -21.77 50.16
CA LYS D 82 30.60 -20.81 49.07
C LYS D 82 29.55 -21.20 48.03
N LEU D 83 29.07 -20.20 47.29
CA LEU D 83 28.33 -20.49 46.06
C LEU D 83 29.31 -20.71 44.92
N PRO D 84 29.28 -21.86 44.25
CA PRO D 84 30.27 -22.12 43.20
C PRO D 84 30.08 -21.18 42.01
N GLU D 85 31.17 -20.60 41.55
CA GLU D 85 31.13 -19.86 40.30
C GLU D 85 30.70 -20.77 39.17
N ILE D 86 29.78 -20.29 38.34
CA ILE D 86 29.27 -21.03 37.19
C ILE D 86 29.49 -20.15 35.97
N ILE D 87 30.29 -20.62 35.03
CA ILE D 87 30.66 -19.82 33.86
C ILE D 87 30.16 -20.50 32.60
N PHE D 88 30.04 -19.72 31.54
CA PHE D 88 29.43 -20.15 30.29
C PHE D 88 30.43 -19.93 29.17
N ARG D 89 30.83 -21.02 28.50
CA ARG D 89 31.78 -20.92 27.41
C ARG D 89 31.13 -21.36 26.11
N ALA D 90 31.66 -20.80 25.02
CA ALA D 90 31.28 -21.17 23.66
C ALA D 90 32.50 -20.96 22.78
N GLU D 91 32.49 -21.59 21.61
CA GLU D 91 33.64 -21.53 20.72
C GLU D 91 33.38 -20.60 19.55
N ALA D 92 34.46 -20.05 19.01
CA ALA D 92 34.41 -19.10 17.91
C ALA D 92 35.45 -19.44 16.86
N ASP D 93 35.19 -19.00 15.63
CA ASP D 93 36.09 -19.25 14.51
C ASP D 93 37.28 -18.30 14.58
N THR D 101 40.29 -23.69 16.13
CA THR D 101 39.36 -22.75 16.75
C THR D 101 39.26 -23.05 18.25
N HIS D 102 39.02 -22.00 19.04
CA HIS D 102 39.19 -22.07 20.49
C HIS D 102 37.89 -21.71 21.18
N TRP D 103 37.99 -21.49 22.50
CA TRP D 103 36.86 -21.36 23.39
C TRP D 103 36.90 -20.00 24.07
N VAL D 104 35.74 -19.35 24.20
CA VAL D 104 35.69 -18.01 24.76
C VAL D 104 34.72 -17.99 25.94
N ARG D 105 34.93 -17.00 26.82
CA ARG D 105 34.12 -16.83 28.02
C ARG D 105 33.19 -15.64 27.86
N TRP D 106 31.95 -15.77 28.33
CA TRP D 106 30.90 -14.80 28.08
C TRP D 106 30.57 -14.05 29.37
N SER D 107 30.32 -12.75 29.24
CA SER D 107 30.00 -11.93 30.41
C SER D 107 28.70 -12.38 31.05
N GLY D 108 28.69 -12.41 32.38
CA GLY D 108 27.50 -12.79 33.12
C GLY D 108 26.32 -11.85 32.91
N SER D 109 26.58 -10.65 32.39
CA SER D 109 25.50 -9.73 32.03
C SER D 109 25.01 -9.93 30.60
N THR D 110 25.30 -11.07 29.98
CA THR D 110 24.81 -11.34 28.64
C THR D 110 23.41 -11.95 28.69
N GLU D 111 22.52 -11.43 27.85
CA GLU D 111 21.17 -11.98 27.78
C GLU D 111 21.23 -13.41 27.25
N ILE D 112 20.42 -14.28 27.85
CA ILE D 112 20.45 -15.71 27.52
C ILE D 112 20.13 -15.92 26.04
N GLY D 113 19.06 -15.27 25.56
CA GLY D 113 18.68 -15.43 24.17
C GLY D 113 19.75 -14.96 23.20
N ASP D 114 20.32 -13.77 23.46
CA ASP D 114 21.42 -13.27 22.64
C ASP D 114 22.61 -14.22 22.68
N PHE D 115 22.87 -14.83 23.85
CA PHE D 115 23.92 -15.83 23.96
C PHE D 115 23.65 -17.04 23.06
N ILE D 116 22.45 -17.62 23.17
CA ILE D 116 22.10 -18.78 22.36
C ILE D 116 22.09 -18.43 20.88
N ARG D 117 21.66 -17.20 20.55
CA ARG D 117 21.70 -16.73 19.17
C ARG D 117 23.10 -16.81 18.59
N ASP D 118 24.12 -16.45 19.38
CA ASP D 118 25.49 -16.49 18.89
C ASP D 118 26.03 -17.92 18.89
N ALA D 119 25.53 -18.78 19.77
CA ALA D 119 25.92 -20.18 19.81
C ALA D 119 25.23 -21.02 18.73
N ALA D 120 24.55 -20.38 17.78
CA ALA D 120 23.75 -21.11 16.78
C ALA D 120 24.60 -22.15 16.05
N ARG D 121 25.55 -21.70 15.23
CA ARG D 121 26.34 -22.63 14.42
C ARG D 121 27.16 -23.59 15.29
N GLY D 122 27.39 -23.24 16.55
CA GLY D 122 28.25 -24.06 17.39
C GLY D 122 27.68 -25.43 17.72
N ARG D 123 26.36 -25.51 17.91
CA ARG D 123 25.63 -26.75 18.21
C ARG D 123 25.94 -27.31 19.59
N GLU D 124 26.85 -26.68 20.33
CA GLU D 124 27.20 -27.12 21.67
C GLU D 124 27.92 -25.99 22.41
N PHE D 125 27.54 -25.78 23.67
CA PHE D 125 28.22 -24.81 24.52
C PHE D 125 28.45 -25.41 25.90
N SER D 126 29.43 -24.85 26.61
CA SER D 126 29.96 -25.41 27.85
C SER D 126 29.45 -24.66 29.07
N VAL D 127 29.16 -25.42 30.12
CA VAL D 127 28.81 -24.86 31.43
C VAL D 127 29.74 -25.46 32.48
N THR D 128 30.68 -24.64 32.98
CA THR D 128 31.70 -25.08 33.92
C THR D 128 31.27 -24.72 35.34
N ILE D 129 31.26 -25.72 36.22
CA ILE D 129 30.91 -25.53 37.63
C ILE D 129 32.18 -25.56 38.46
N GLU D 130 32.35 -24.55 39.31
CA GLU D 130 33.48 -24.51 40.22
C GLU D 130 33.50 -25.75 41.10
N GLY D 131 34.70 -26.28 41.33
CA GLY D 131 34.83 -27.48 42.16
C GLY D 131 34.44 -28.77 41.49
N HIS D 132 34.05 -28.74 40.21
CA HIS D 132 33.72 -29.94 39.46
C HIS D 132 34.65 -29.99 38.24
N ALA D 133 35.44 -31.06 38.13
CA ALA D 133 36.43 -31.14 37.06
C ALA D 133 35.75 -31.29 35.69
N GLU D 134 34.66 -32.04 35.63
CA GLU D 134 33.93 -32.25 34.39
C GLU D 134 32.94 -31.12 34.17
N GLU D 135 33.06 -30.43 33.05
CA GLU D 135 32.11 -29.40 32.69
C GLU D 135 30.87 -30.02 32.05
N LEU D 136 29.81 -29.24 31.98
CA LEU D 136 28.58 -29.64 31.30
C LEU D 136 28.53 -29.01 29.92
N ARG D 137 28.10 -29.79 28.93
CA ARG D 137 27.91 -29.28 27.57
C ARG D 137 26.45 -29.43 27.20
N VAL D 138 25.85 -28.33 26.76
CA VAL D 138 24.46 -28.30 26.32
C VAL D 138 24.43 -28.25 24.80
N ALA D 139 23.52 -28.99 24.20
CA ALA D 139 23.38 -29.03 22.75
C ALA D 139 22.58 -27.82 22.27
N VAL D 140 23.20 -27.00 21.42
CA VAL D 140 22.45 -25.89 20.81
C VAL D 140 21.42 -26.48 19.86
N PRO D 141 20.14 -26.12 19.98
CA PRO D 141 19.11 -26.77 19.16
C PRO D 141 19.28 -26.45 17.69
N SER D 142 18.96 -27.44 16.85
CA SER D 142 18.97 -27.25 15.41
C SER D 142 18.05 -26.11 15.01
N PHE D 143 18.29 -25.55 13.81
CA PHE D 143 17.40 -24.53 13.26
C PHE D 143 15.97 -25.03 13.22
N LYS D 144 15.76 -26.25 12.72
CA LYS D 144 14.44 -26.87 12.76
C LYS D 144 13.86 -26.83 14.16
N ASP D 145 14.61 -27.28 15.16
CA ASP D 145 14.11 -27.38 16.52
C ASP D 145 13.86 -25.99 17.13
N ARG D 146 14.74 -25.04 16.83
CA ARG D 146 14.59 -23.71 17.42
C ARG D 146 13.37 -22.99 16.87
N THR D 147 13.02 -23.26 15.62
CA THR D 147 11.94 -22.57 14.93
C THR D 147 10.67 -23.41 14.80
N TYR D 148 10.59 -24.53 15.52
CA TYR D 148 9.49 -25.47 15.32
C TYR D 148 8.13 -24.80 15.57
N TYR D 149 7.92 -24.27 16.78
CA TYR D 149 6.61 -23.72 17.14
C TYR D 149 6.26 -22.51 16.29
N MET D 150 7.25 -21.72 15.88
CA MET D 150 6.97 -20.59 15.00
C MET D 150 6.59 -21.06 13.60
N ARG D 151 7.38 -21.97 13.02
CA ARG D 151 7.06 -22.47 11.69
C ARG D 151 5.71 -23.18 11.66
N MET D 152 5.28 -23.75 12.79
CA MET D 152 3.96 -24.36 12.86
C MET D 152 2.86 -23.30 12.85
N ARG D 153 3.02 -22.25 13.67
CA ARG D 153 2.01 -21.20 13.73
C ARG D 153 1.87 -20.49 12.39
N LEU D 154 2.98 -20.15 11.75
CA LEU D 154 2.94 -19.56 10.42
C LEU D 154 2.17 -20.46 9.46
N ARG D 155 2.40 -21.77 9.54
CA ARG D 155 1.65 -22.72 8.74
C ARG D 155 0.16 -22.64 9.05
N ARG D 156 -0.19 -22.63 10.34
CA ARG D 156 -1.60 -22.53 10.74
C ARG D 156 -2.20 -21.21 10.28
N MET D 157 -1.58 -20.09 10.65
CA MET D 157 -2.06 -18.78 10.22
C MET D 157 -2.23 -18.70 8.71
N SER D 158 -1.19 -19.04 7.95
CA SER D 158 -1.27 -18.96 6.50
C SER D 158 -2.38 -19.84 5.94
N GLN D 159 -2.68 -20.95 6.64
CA GLN D 159 -3.89 -21.70 6.30
C GLN D 159 -5.13 -20.91 6.67
N GLU D 160 -5.16 -20.34 7.88
CA GLU D 160 -6.32 -19.55 8.30
C GLU D 160 -6.52 -18.34 7.40
N ILE D 161 -5.44 -17.74 6.91
CA ILE D 161 -5.56 -16.59 6.01
C ILE D 161 -6.19 -17.00 4.68
N ASP D 162 -6.13 -18.28 4.32
CA ASP D 162 -6.67 -18.73 3.04
C ASP D 162 -8.20 -18.74 3.03
N GLN D 163 -8.79 -17.57 2.83
CA GLN D 163 -10.19 -17.37 2.46
C GLN D 163 -10.25 -15.88 2.10
N MET D 164 -9.93 -15.59 0.83
CA MET D 164 -9.66 -14.24 0.36
C MET D 164 -8.60 -13.53 1.22
N GLU D 170 -6.99 -7.23 -0.35
CA GLU D 170 -7.21 -6.31 -1.46
C GLU D 170 -7.57 -7.08 -2.73
N ALA D 171 -8.44 -8.09 -2.58
CA ALA D 171 -8.88 -8.95 -3.68
C ALA D 171 -9.64 -8.16 -4.74
N LYS D 172 -10.96 -8.26 -4.73
CA LYS D 172 -11.80 -7.32 -5.47
C LYS D 172 -11.86 -5.96 -4.79
N TRP D 173 -11.37 -5.89 -3.55
CA TRP D 173 -11.40 -4.68 -2.74
C TRP D 173 -10.80 -3.48 -3.48
N ASP D 174 -9.51 -3.58 -3.87
CA ASP D 174 -8.80 -2.46 -4.46
C ASP D 174 -9.56 -1.85 -5.63
N GLN D 175 -9.89 -2.68 -6.63
CA GLN D 175 -10.63 -2.18 -7.78
C GLN D 175 -11.98 -1.62 -7.35
N LEU D 176 -12.58 -2.18 -6.30
CA LEU D 176 -13.91 -1.77 -5.88
C LEU D 176 -13.90 -0.36 -5.27
N VAL D 177 -13.09 -0.17 -4.22
CA VAL D 177 -13.01 1.14 -3.58
C VAL D 177 -12.53 2.20 -4.56
N HIS D 178 -11.64 1.82 -5.49
CA HIS D 178 -11.26 2.75 -6.55
C HIS D 178 -12.45 3.08 -7.44
N ASP D 179 -13.30 2.10 -7.72
CA ASP D 179 -14.49 2.35 -8.52
C ASP D 179 -15.46 3.28 -7.81
N ALA D 180 -15.73 3.00 -6.52
CA ALA D 180 -16.64 3.84 -5.75
C ALA D 180 -16.16 5.29 -5.72
N ASN D 181 -14.88 5.50 -5.42
CA ASN D 181 -14.34 6.86 -5.39
C ASN D 181 -14.51 7.57 -6.73
N GLY D 182 -14.44 6.81 -7.83
CA GLY D 182 -14.72 7.41 -9.12
C GLY D 182 -16.18 7.81 -9.27
N LEU D 183 -17.09 6.93 -8.84
CA LEU D 183 -18.52 7.24 -8.93
C LEU D 183 -18.87 8.42 -8.03
N ARG D 184 -18.40 8.39 -6.79
CA ARG D 184 -18.58 9.52 -5.87
C ARG D 184 -18.22 10.83 -6.54
N ARG D 185 -17.13 10.84 -7.33
CA ARG D 185 -16.70 12.03 -8.04
C ARG D 185 -17.69 12.44 -9.13
N GLU D 186 -18.02 11.51 -10.03
CA GLU D 186 -18.86 11.86 -11.18
C GLU D 186 -20.23 12.37 -10.75
N ILE D 187 -20.69 11.97 -9.57
CA ILE D 187 -21.96 12.48 -9.05
C ILE D 187 -21.78 13.90 -8.52
N LYS D 188 -20.79 14.09 -7.66
CA LYS D 188 -20.45 15.43 -7.18
C LYS D 188 -20.29 16.39 -8.36
N PHE D 189 -19.56 15.97 -9.39
CA PHE D 189 -19.49 16.71 -10.64
C PHE D 189 -20.89 17.02 -11.17
N ALA D 190 -21.77 16.03 -11.20
CA ALA D 190 -23.11 16.24 -11.72
C ALA D 190 -23.90 17.22 -10.86
N ALA D 191 -23.79 17.10 -9.54
CA ALA D 191 -24.52 18.00 -8.65
C ALA D 191 -24.15 19.46 -8.90
N THR D 192 -22.88 19.72 -9.23
CA THR D 192 -22.46 21.09 -9.53
C THR D 192 -23.02 21.58 -10.86
N GLU D 193 -22.83 20.81 -11.92
CA GLU D 193 -23.33 21.22 -13.24
C GLU D 193 -24.85 21.37 -13.24
N TYR D 194 -25.54 20.50 -12.50
CA TYR D 194 -26.96 20.68 -12.28
C TYR D 194 -27.27 21.78 -11.27
N GLY D 195 -26.23 22.36 -10.65
CA GLY D 195 -26.43 23.45 -9.71
C GLY D 195 -27.19 23.07 -8.46
N VAL D 196 -27.03 21.83 -7.98
CA VAL D 196 -27.73 21.34 -6.80
C VAL D 196 -26.70 20.86 -5.78
N GLU D 197 -27.11 20.82 -4.52
CA GLU D 197 -26.29 20.21 -3.49
C GLU D 197 -26.45 18.69 -3.54
N TRP D 198 -25.91 18.01 -2.53
CA TRP D 198 -26.10 16.56 -2.49
C TRP D 198 -26.11 16.00 -1.07
N ASP D 199 -25.03 15.34 -0.68
CA ASP D 199 -24.98 14.54 0.55
C ASP D 199 -26.06 13.46 0.52
N MET E 3 16.51 23.83 47.44
CA MET E 3 16.71 24.74 48.55
C MET E 3 17.85 25.71 48.25
N MET E 4 18.45 25.55 47.08
CA MET E 4 19.50 26.45 46.65
C MET E 4 18.94 27.48 45.68
N ALA E 5 19.35 28.74 45.88
CA ALA E 5 18.80 29.83 45.10
C ALA E 5 19.12 29.70 43.61
N THR E 6 20.27 29.11 43.29
CA THR E 6 20.65 28.92 41.89
C THR E 6 20.11 27.60 41.37
N LYS E 7 19.46 27.65 40.21
CA LYS E 7 18.86 26.50 39.59
C LYS E 7 19.78 25.93 38.53
N GLY E 8 19.72 24.61 38.35
CA GLY E 8 20.36 24.00 37.23
C GLY E 8 19.47 23.97 36.01
N ARG E 9 20.10 23.89 34.85
CA ARG E 9 19.38 23.70 33.60
C ARG E 9 20.06 22.60 32.82
N LEU E 10 19.28 21.68 32.26
CA LEU E 10 19.80 20.76 31.25
C LEU E 10 19.22 21.21 29.91
N LEU E 11 20.08 21.31 28.91
CA LEU E 11 19.68 21.75 27.59
C LEU E 11 19.72 20.58 26.61
N THR E 12 18.95 20.70 25.55
CA THR E 12 18.98 19.71 24.49
C THR E 12 20.07 20.04 23.49
N THR E 13 20.54 19.02 22.80
CA THR E 13 21.49 19.14 21.71
C THR E 13 20.86 18.56 20.45
N PRO E 14 21.31 18.97 19.26
CA PRO E 14 20.78 18.35 18.03
C PRO E 14 21.13 16.87 17.91
N THR E 15 22.13 16.40 18.64
CA THR E 15 22.39 14.97 18.77
C THR E 15 21.48 14.40 19.85
N ARG E 16 21.58 13.09 20.10
CA ARG E 16 20.83 12.47 21.19
C ARG E 16 21.28 12.98 22.56
N LEU E 17 22.40 13.68 22.63
CA LEU E 17 23.03 14.02 23.89
C LEU E 17 22.32 15.17 24.60
N LEU E 18 22.60 15.30 25.89
CA LEU E 18 22.08 16.35 26.74
C LEU E 18 23.27 16.94 27.49
N LYS E 19 23.35 18.27 27.56
CA LYS E 19 24.33 18.87 28.45
C LYS E 19 23.62 19.37 29.70
N LEU E 20 24.21 19.07 30.85
CA LEU E 20 23.62 19.36 32.16
C LEU E 20 24.44 20.47 32.80
N ILE E 21 23.78 21.59 33.11
CA ILE E 21 24.45 22.76 33.67
C ILE E 21 24.09 22.80 35.15
N LEU E 22 25.11 22.69 36.00
CA LEU E 22 24.87 22.54 37.42
C LEU E 22 25.57 23.63 38.23
N PRO E 23 24.97 24.09 39.32
CA PRO E 23 25.64 24.98 40.27
C PRO E 23 26.38 24.18 41.33
N ILE E 24 27.71 24.33 41.37
CA ILE E 24 28.54 23.58 42.30
C ILE E 24 28.93 24.52 43.43
N PRO E 25 28.36 24.36 44.65
CA PRO E 25 28.65 25.23 45.78
C PRO E 25 29.90 24.81 46.57
N PHE E 26 31.00 24.62 45.85
CA PHE E 26 32.28 24.29 46.47
C PHE E 26 33.37 25.11 45.81
N HIS E 27 34.27 25.66 46.61
CA HIS E 27 35.31 26.39 45.93
C HIS E 27 36.26 25.41 45.24
N PRO E 28 36.66 25.68 44.00
CA PRO E 28 37.48 24.71 43.25
C PRO E 28 38.74 24.25 43.98
N GLU E 29 39.18 24.97 45.01
CA GLU E 29 40.32 24.56 45.83
C GLU E 29 39.92 23.97 47.18
N GLN E 30 38.62 23.81 47.43
CA GLN E 30 38.15 23.15 48.64
C GLN E 30 38.49 21.66 48.59
N GLU E 31 38.72 21.06 49.75
CA GLU E 31 39.20 19.69 49.82
C GLU E 31 38.23 18.70 50.47
N TYR E 32 37.26 19.17 51.26
CA TYR E 32 36.34 18.28 51.94
C TYR E 32 34.99 18.98 52.08
N ILE E 33 34.10 18.37 52.87
CA ILE E 33 32.81 18.97 53.18
C ILE E 33 32.56 18.86 54.68
N ALA E 47 28.05 32.58 44.61
CA ALA E 47 28.11 31.65 45.74
C ALA E 47 28.37 30.23 45.26
N VAL E 48 28.34 30.05 43.93
CA VAL E 48 28.40 28.73 43.31
C VAL E 48 29.30 28.79 42.08
N GLU E 49 29.75 27.61 41.65
CA GLU E 49 30.59 27.48 40.47
C GLU E 49 29.87 26.63 39.43
N PRO E 50 30.10 26.90 38.14
CA PRO E 50 29.32 26.23 37.09
C PRO E 50 29.95 24.93 36.61
N LEU E 51 29.09 23.99 36.23
CA LEU E 51 29.54 22.68 35.75
C LEU E 51 28.67 22.26 34.57
N ALA E 52 29.31 22.01 33.43
CA ALA E 52 28.63 21.62 32.20
C ALA E 52 29.00 20.17 31.90
N LEU E 53 27.98 19.35 31.60
CA LEU E 53 28.16 17.90 31.49
C LEU E 53 27.35 17.35 30.33
N LEU E 54 28.03 16.86 29.30
CA LEU E 54 27.38 16.14 28.22
C LEU E 54 27.13 14.70 28.66
N VAL E 55 25.88 14.25 28.53
CA VAL E 55 25.49 12.90 28.91
C VAL E 55 24.66 12.29 27.79
N HIS E 56 24.72 10.98 27.67
CA HIS E 56 23.96 10.22 26.70
C HIS E 56 22.72 9.65 27.37
N PRO E 57 21.52 9.80 26.78
CA PRO E 57 20.29 9.51 27.52
C PRO E 57 20.19 8.08 28.03
N GLN E 58 21.00 7.16 27.51
CA GLN E 58 20.98 5.78 27.96
C GLN E 58 21.98 5.51 29.08
N GLN E 59 22.90 6.43 29.35
CA GLN E 59 23.69 6.35 30.56
C GLN E 59 22.75 6.38 31.77
N PRO E 60 22.97 5.53 32.77
CA PRO E 60 22.08 5.51 33.93
C PRO E 60 22.38 6.65 34.90
N LEU E 61 21.44 6.86 35.82
CA LEU E 61 21.62 7.86 36.87
C LEU E 61 22.89 7.61 37.66
N SER E 62 23.19 6.34 37.97
CA SER E 62 24.39 6.00 38.72
C SER E 62 25.65 6.53 38.03
N TYR E 63 25.62 6.60 36.70
CA TYR E 63 26.75 7.14 35.95
C TYR E 63 26.92 8.63 36.22
N LEU E 64 25.81 9.38 36.29
CA LEU E 64 25.88 10.81 36.59
C LEU E 64 26.51 11.05 37.95
N GLU E 65 26.04 10.32 38.97
CA GLU E 65 26.68 10.33 40.29
C GLU E 65 28.19 10.24 40.17
N ARG E 66 28.68 9.22 39.45
CA ARG E 66 30.11 9.06 39.23
C ARG E 66 30.73 10.27 38.53
N LEU E 67 29.99 10.88 37.60
CA LEU E 67 30.47 12.09 36.94
C LEU E 67 30.63 13.23 37.93
N ILE E 68 29.55 13.60 38.62
CA ILE E 68 29.59 14.73 39.56
C ILE E 68 30.65 14.50 40.62
N GLN E 69 30.72 13.28 41.17
CA GLN E 69 31.67 12.96 42.22
C GLN E 69 33.10 13.31 41.82
N ALA E 70 33.43 13.20 40.52
CA ALA E 70 34.75 13.58 40.06
C ALA E 70 34.96 15.09 40.11
N GLU E 71 33.89 15.88 40.02
CA GLU E 71 33.98 17.33 39.95
C GLU E 71 33.74 18.02 41.28
N ILE E 72 33.44 17.26 42.34
CA ILE E 72 33.22 17.86 43.66
C ILE E 72 34.18 17.23 44.65
N PRO E 73 34.60 17.94 45.70
CA PRO E 73 35.55 17.37 46.67
C PRO E 73 34.95 16.21 47.44
N PRO E 74 35.77 15.29 47.94
CA PRO E 74 35.24 14.16 48.71
C PRO E 74 34.56 14.61 50.00
N LEU E 75 33.78 13.70 50.57
CA LEU E 75 33.24 13.86 51.91
C LEU E 75 34.22 13.24 52.90
N LEU E 76 34.19 13.71 54.14
CA LEU E 76 35.11 13.23 55.17
C LEU E 76 34.34 12.47 56.24
N VAL E 77 34.53 11.16 56.28
CA VAL E 77 34.07 10.32 57.39
C VAL E 77 35.31 9.71 58.02
N LYS E 78 35.63 10.15 59.24
CA LYS E 78 36.74 9.64 60.04
C LYS E 78 38.03 9.98 59.29
N ASP E 79 39.09 9.19 59.38
CA ASP E 79 40.35 9.51 58.72
C ASP E 79 40.43 8.97 57.30
N ARG E 80 39.31 8.85 56.59
CA ARG E 80 39.29 8.36 55.22
C ARG E 80 38.21 9.07 54.43
N GLU E 81 38.59 9.53 53.24
CA GLU E 81 37.66 10.24 52.36
C GLU E 81 36.65 9.27 51.77
N LYS E 82 35.47 9.80 51.44
CA LYS E 82 34.39 9.01 50.87
C LYS E 82 33.82 9.72 49.65
N LEU E 83 33.42 8.93 48.66
CA LEU E 83 32.63 9.49 47.57
C LEU E 83 31.22 9.79 48.07
N PRO E 84 30.75 11.03 47.94
CA PRO E 84 29.43 11.37 48.50
C PRO E 84 28.32 10.75 47.68
N GLU E 85 27.33 10.20 48.37
CA GLU E 85 26.13 9.73 47.69
C GLU E 85 25.38 10.89 47.06
N ILE E 86 24.96 10.72 45.81
CA ILE E 86 24.20 11.72 45.08
C ILE E 86 22.92 11.04 44.62
N ILE E 87 21.78 11.66 44.92
CA ILE E 87 20.49 11.02 44.66
C ILE E 87 19.60 11.98 43.88
N PHE E 88 18.76 11.40 43.02
CA PHE E 88 17.92 12.15 42.10
C PHE E 88 16.47 12.01 42.53
N ARG E 89 15.78 13.14 42.66
CA ARG E 89 14.39 13.15 43.07
C ARG E 89 13.57 13.93 42.07
N ALA E 90 12.26 13.68 42.05
CA ALA E 90 11.35 14.35 41.15
C ALA E 90 9.94 14.29 41.72
N GLU E 91 9.00 14.90 40.99
CA GLU E 91 7.65 15.15 41.46
C GLU E 91 6.80 13.87 41.45
N ALA E 92 5.54 14.01 41.86
CA ALA E 92 4.57 12.93 41.79
C ALA E 92 3.16 13.50 41.66
N THR E 101 0.75 15.49 46.03
CA THR E 101 1.81 15.87 45.09
C THR E 101 3.13 15.95 45.83
N HIS E 102 3.86 14.85 45.89
CA HIS E 102 5.04 14.74 46.74
C HIS E 102 6.23 14.29 45.91
N TRP E 103 7.27 13.83 46.60
CA TRP E 103 8.60 13.66 46.03
C TRP E 103 9.00 12.19 46.06
N VAL E 104 9.67 11.74 45.00
CA VAL E 104 10.04 10.33 44.86
C VAL E 104 11.54 10.23 44.60
N ARG E 105 12.13 9.15 45.11
CA ARG E 105 13.53 8.82 44.90
C ARG E 105 13.63 7.84 43.75
N TRP E 106 14.57 8.09 42.84
CA TRP E 106 14.69 7.33 41.60
C TRP E 106 15.86 6.35 41.69
N SER E 107 15.71 5.19 41.05
CA SER E 107 16.75 4.18 41.10
C SER E 107 17.93 4.59 40.23
N GLY E 108 19.14 4.49 40.79
CA GLY E 108 20.35 4.86 40.05
C GLY E 108 20.55 4.06 38.77
N SER E 109 19.86 2.93 38.63
CA SER E 109 19.90 2.16 37.39
C SER E 109 19.01 2.75 36.30
N THR E 110 18.34 3.87 36.55
CA THR E 110 17.45 4.45 35.56
C THR E 110 18.24 5.21 34.51
N GLU E 111 17.90 4.99 33.23
CA GLU E 111 18.47 5.78 32.15
C GLU E 111 18.16 7.27 32.38
N ILE E 112 19.09 8.13 31.96
CA ILE E 112 18.90 9.56 32.15
C ILE E 112 17.72 10.06 31.31
N GLY E 113 17.69 9.70 30.02
CA GLY E 113 16.61 10.15 29.17
C GLY E 113 15.24 9.76 29.68
N ASP E 114 15.07 8.49 30.05
CA ASP E 114 13.79 8.04 30.60
C ASP E 114 13.45 8.76 31.90
N PHE E 115 14.47 9.03 32.73
CA PHE E 115 14.25 9.83 33.93
C PHE E 115 13.69 11.20 33.60
N ILE E 116 14.35 11.92 32.69
CA ILE E 116 13.88 13.24 32.27
C ILE E 116 12.47 13.18 31.70
N ARG E 117 12.27 12.28 30.73
CA ARG E 117 10.95 12.06 30.12
C ARG E 117 9.85 12.06 31.16
N ASP E 118 10.04 11.34 32.26
CA ASP E 118 9.01 11.26 33.30
C ASP E 118 8.83 12.60 34.01
N ALA E 119 9.91 13.36 34.21
CA ALA E 119 9.86 14.62 34.94
C ALA E 119 9.40 15.79 34.09
N ALA E 120 8.88 15.54 32.88
CA ALA E 120 8.64 16.63 31.92
C ALA E 120 7.50 17.53 32.36
N ARG E 121 6.69 17.09 33.33
CA ARG E 121 5.53 17.88 33.74
C ARG E 121 5.84 18.79 34.92
N GLY E 122 6.68 18.32 35.85
CA GLY E 122 6.94 19.11 37.06
C GLY E 122 7.87 20.28 36.83
N ARG E 123 8.57 20.30 35.69
CA ARG E 123 9.46 21.37 35.23
C ARG E 123 10.59 21.71 36.21
N GLU E 124 10.87 20.86 37.19
CA GLU E 124 11.98 21.09 38.12
C GLU E 124 12.20 19.83 38.94
N PHE E 125 13.38 19.22 38.80
CA PHE E 125 13.75 18.05 39.57
C PHE E 125 14.96 18.36 40.44
N SER E 126 15.15 17.54 41.47
CA SER E 126 16.12 17.79 42.53
C SER E 126 17.29 16.81 42.45
N VAL E 127 18.49 17.33 42.69
CA VAL E 127 19.70 16.53 42.80
C VAL E 127 20.29 16.82 44.19
N THR E 128 20.45 15.79 45.01
CA THR E 128 20.84 15.94 46.40
C THR E 128 22.24 15.38 46.61
N ILE E 129 23.13 16.20 47.18
CA ILE E 129 24.52 15.81 47.43
C ILE E 129 24.68 15.51 48.91
N GLU E 130 25.30 14.38 49.21
CA GLU E 130 25.54 13.96 50.59
C GLU E 130 26.41 14.98 51.32
N GLY E 131 26.03 15.32 52.54
CA GLY E 131 26.79 16.28 53.32
C GLY E 131 26.49 17.74 53.02
N HIS E 132 25.70 18.01 51.99
CA HIS E 132 25.34 19.39 51.63
C HIS E 132 23.85 19.57 51.91
N ALA E 133 23.53 20.41 52.89
CA ALA E 133 22.14 20.56 53.34
C ALA E 133 21.24 21.07 52.22
N GLU E 134 21.60 22.21 51.62
CA GLU E 134 20.84 22.74 50.49
C GLU E 134 21.03 21.83 49.29
N GLU E 135 19.92 21.38 48.72
CA GLU E 135 19.98 20.51 47.55
C GLU E 135 20.17 21.34 46.29
N LEU E 136 20.14 20.65 45.16
CA LEU E 136 20.25 21.29 43.85
C LEU E 136 19.00 20.98 43.05
N ARG E 137 18.41 22.00 42.43
CA ARG E 137 17.25 21.82 41.58
C ARG E 137 17.61 22.19 40.15
N VAL E 138 17.22 21.35 39.21
CA VAL E 138 17.47 21.55 37.79
C VAL E 138 16.15 21.90 37.13
N ALA E 139 16.17 22.89 36.24
CA ALA E 139 14.96 23.26 35.50
C ALA E 139 14.73 22.23 34.39
N VAL E 140 13.67 21.45 34.52
CA VAL E 140 13.27 20.57 33.40
C VAL E 140 12.91 21.44 32.21
N PRO E 141 13.46 21.19 31.02
CA PRO E 141 13.26 22.10 29.90
C PRO E 141 11.81 22.14 29.43
N SER E 142 11.45 23.29 28.84
CA SER E 142 10.13 23.44 28.26
C SER E 142 9.98 22.54 27.03
N PHE E 143 8.72 22.34 26.61
CA PHE E 143 8.45 21.52 25.43
C PHE E 143 9.13 22.11 24.20
N LYS E 144 8.91 23.41 23.95
CA LYS E 144 9.54 24.08 22.81
C LYS E 144 11.06 23.93 22.87
N ASP E 145 11.63 23.99 24.07
CA ASP E 145 13.08 23.86 24.23
C ASP E 145 13.53 22.42 24.05
N ARG E 146 12.80 21.48 24.67
CA ARG E 146 13.15 20.07 24.57
C ARG E 146 13.11 19.61 23.11
N THR E 147 12.25 20.22 22.30
CA THR E 147 12.02 19.82 20.93
C THR E 147 12.52 20.83 19.91
N TYR E 148 13.34 21.80 20.33
CA TYR E 148 13.70 22.91 19.44
C TYR E 148 14.42 22.41 18.19
N TYR E 149 15.47 21.61 18.37
CA TYR E 149 16.30 21.21 17.23
C TYR E 149 15.52 20.35 16.25
N MET E 150 14.82 19.33 16.75
CA MET E 150 14.02 18.47 15.89
C MET E 150 13.01 19.27 15.09
N ARG E 151 12.22 20.10 15.78
CA ARG E 151 11.20 20.90 15.10
C ARG E 151 11.80 21.78 14.01
N MET E 152 13.04 22.24 14.20
CA MET E 152 13.71 22.99 13.15
C MET E 152 14.10 22.10 11.98
N ARG E 153 14.58 20.88 12.28
CA ARG E 153 14.90 19.94 11.21
C ARG E 153 13.66 19.54 10.43
N LEU E 154 12.54 19.32 11.13
CA LEU E 154 11.28 19.03 10.46
C LEU E 154 10.92 20.12 9.47
N ARG E 155 10.94 21.37 9.92
CA ARG E 155 10.70 22.50 9.03
C ARG E 155 11.63 22.45 7.82
N ARG E 156 12.93 22.25 8.07
CA ARG E 156 13.90 22.15 6.97
C ARG E 156 13.56 20.99 6.04
N MET E 157 13.46 19.78 6.61
CA MET E 157 13.12 18.61 5.81
C MET E 157 11.81 18.80 5.05
N SER E 158 10.77 19.32 5.72
CA SER E 158 9.52 19.59 5.05
C SER E 158 9.71 20.60 3.92
N GLN E 159 10.52 21.64 4.17
CA GLN E 159 10.83 22.60 3.11
C GLN E 159 11.54 21.93 1.94
N GLU E 160 12.42 20.96 2.22
CA GLU E 160 13.15 20.28 1.16
C GLU E 160 12.26 19.38 0.33
N ILE E 161 11.18 18.83 0.93
CA ILE E 161 10.27 17.97 0.17
C ILE E 161 9.46 18.78 -0.83
N ASP E 162 8.93 19.92 -0.40
CA ASP E 162 8.09 20.79 -1.23
C ASP E 162 8.81 21.28 -2.48
N GLN E 163 10.03 20.84 -2.73
CA GLN E 163 10.79 21.19 -3.92
C GLN E 163 11.14 19.94 -4.71
N ALA E 171 4.19 12.97 -8.00
CA ALA E 171 2.82 13.49 -8.09
C ALA E 171 1.98 12.62 -9.02
N LYS E 172 2.28 12.70 -10.32
CA LYS E 172 1.64 11.88 -11.35
C LYS E 172 2.11 10.43 -11.31
N TRP E 173 2.95 10.07 -10.33
CA TRP E 173 3.58 8.77 -10.30
C TRP E 173 2.56 7.64 -10.26
N ASP E 174 1.66 7.69 -9.29
CA ASP E 174 0.69 6.60 -9.07
C ASP E 174 -0.13 6.32 -10.33
N GLN E 175 -0.68 7.37 -10.94
CA GLN E 175 -1.44 7.18 -12.18
C GLN E 175 -0.55 6.69 -13.31
N LEU E 176 0.69 7.20 -13.38
CA LEU E 176 1.59 6.83 -14.47
C LEU E 176 1.95 5.35 -14.42
N VAL E 177 2.43 4.88 -13.27
CA VAL E 177 2.78 3.47 -13.14
C VAL E 177 1.56 2.58 -13.35
N HIS E 178 0.39 3.04 -12.91
CA HIS E 178 -0.83 2.26 -13.11
C HIS E 178 -1.18 2.16 -14.59
N ASP E 179 -1.16 3.30 -15.30
CA ASP E 179 -1.46 3.30 -16.73
C ASP E 179 -0.44 2.47 -17.50
N ALA E 180 0.81 2.48 -17.06
CA ALA E 180 1.85 1.70 -17.74
C ALA E 180 1.58 0.21 -17.66
N ASN E 181 1.44 -0.33 -16.44
CA ASN E 181 1.19 -1.76 -16.27
C ASN E 181 -0.03 -2.22 -17.06
N GLY E 182 -1.07 -1.39 -17.10
CA GLY E 182 -2.22 -1.72 -17.93
C GLY E 182 -1.83 -1.85 -19.40
N LEU E 183 -1.00 -0.93 -19.89
CA LEU E 183 -0.56 -1.01 -21.28
C LEU E 183 0.35 -2.21 -21.50
N ARG E 184 1.25 -2.48 -20.54
CA ARG E 184 2.00 -3.74 -20.54
C ARG E 184 1.08 -4.93 -20.72
N ARG E 185 -0.10 -4.89 -20.07
CA ARG E 185 -1.04 -6.00 -20.13
C ARG E 185 -1.68 -6.14 -21.50
N GLU E 186 -2.16 -5.02 -22.07
CA GLU E 186 -2.80 -5.09 -23.38
C GLU E 186 -1.84 -5.61 -24.45
N ILE E 187 -0.56 -5.21 -24.37
CA ILE E 187 0.42 -5.66 -25.36
C ILE E 187 0.73 -7.14 -25.16
N LYS E 188 0.89 -7.58 -23.91
CA LYS E 188 0.98 -9.01 -23.64
C LYS E 188 -0.22 -9.75 -24.21
N PHE E 189 -1.41 -9.15 -24.07
CA PHE E 189 -2.63 -9.78 -24.55
C PHE E 189 -2.61 -9.93 -26.07
N ALA E 190 -2.35 -8.84 -26.79
CA ALA E 190 -2.27 -8.91 -28.24
C ALA E 190 -1.20 -9.90 -28.70
N ALA E 191 -0.11 -10.02 -27.95
CA ALA E 191 0.91 -11.00 -28.28
C ALA E 191 0.34 -12.41 -28.31
N THR E 192 -0.36 -12.82 -27.24
CA THR E 192 -0.93 -14.17 -27.19
C THR E 192 -2.03 -14.34 -28.24
N GLU E 193 -2.87 -13.32 -28.43
CA GLU E 193 -3.90 -13.39 -29.45
C GLU E 193 -3.30 -13.50 -30.85
N TYR E 194 -2.39 -12.58 -31.19
CA TYR E 194 -1.66 -12.68 -32.44
C TYR E 194 -0.71 -13.88 -32.46
N GLY E 195 -0.55 -14.55 -31.32
CA GLY E 195 0.21 -15.79 -31.28
C GLY E 195 1.70 -15.65 -31.44
N VAL E 196 2.31 -14.63 -30.84
CA VAL E 196 3.75 -14.40 -30.94
C VAL E 196 4.30 -14.21 -29.53
N GLU E 197 5.62 -14.26 -29.43
CA GLU E 197 6.30 -13.89 -28.19
C GLU E 197 6.49 -12.37 -28.14
N TRP E 198 6.83 -11.87 -26.97
CA TRP E 198 6.93 -10.42 -26.79
C TRP E 198 8.21 -10.13 -25.99
N ASP E 199 8.11 -9.38 -24.90
CA ASP E 199 9.21 -8.98 -24.04
C ASP E 199 10.25 -8.13 -24.77
N GLU E 200 10.54 -6.97 -24.21
CA GLU E 200 11.46 -6.00 -24.80
C GLU E 200 12.90 -6.51 -24.74
N LYS F 7 -47.45 13.92 -25.43
CA LYS F 7 -46.25 14.60 -24.97
C LYS F 7 -45.11 13.62 -24.74
N GLY F 8 -43.94 13.93 -25.28
CA GLY F 8 -42.79 13.05 -25.18
C GLY F 8 -42.01 13.22 -23.89
N ARG F 9 -41.19 12.22 -23.60
CA ARG F 9 -40.33 12.25 -22.43
C ARG F 9 -38.97 11.68 -22.78
N LEU F 10 -37.97 12.03 -21.97
CA LEU F 10 -36.61 11.52 -22.11
C LEU F 10 -36.19 10.90 -20.79
N LEU F 11 -35.77 9.63 -20.84
CA LEU F 11 -35.47 8.88 -19.63
C LEU F 11 -33.98 8.58 -19.53
N THR F 12 -33.50 8.46 -18.31
CA THR F 12 -32.14 7.99 -18.07
C THR F 12 -32.15 6.47 -17.97
N THR F 13 -31.04 5.86 -18.36
CA THR F 13 -30.90 4.41 -18.44
C THR F 13 -29.81 3.93 -17.47
N PRO F 14 -29.80 2.65 -17.11
CA PRO F 14 -28.72 2.15 -16.25
C PRO F 14 -27.32 2.41 -16.78
N THR F 15 -27.13 2.46 -18.11
CA THR F 15 -25.86 2.88 -18.67
C THR F 15 -25.84 4.39 -18.83
N ARG F 16 -24.80 4.91 -19.50
CA ARG F 16 -24.63 6.34 -19.65
C ARG F 16 -25.67 6.95 -20.58
N LEU F 17 -26.39 6.14 -21.33
CA LEU F 17 -27.23 6.61 -22.43
C LEU F 17 -28.49 7.29 -21.88
N LEU F 18 -29.39 7.64 -22.81
CA LEU F 18 -30.69 8.23 -22.47
C LEU F 18 -31.72 7.70 -23.45
N LYS F 19 -32.85 7.23 -22.92
CA LYS F 19 -33.96 6.82 -23.77
C LYS F 19 -34.91 7.99 -23.98
N LEU F 20 -35.33 8.20 -25.22
CA LEU F 20 -36.23 9.29 -25.58
C LEU F 20 -37.45 8.71 -26.28
N ILE F 21 -38.62 9.25 -25.94
CA ILE F 21 -39.90 8.81 -26.50
C ILE F 21 -40.65 10.03 -26.99
N LEU F 22 -41.20 9.97 -28.21
CA LEU F 22 -41.94 11.08 -28.77
C LEU F 22 -42.87 10.57 -29.87
N PRO F 23 -44.10 11.08 -29.95
CA PRO F 23 -45.03 10.65 -30.98
C PRO F 23 -44.69 11.21 -32.36
N ILE F 24 -45.51 10.83 -33.34
CA ILE F 24 -45.27 11.11 -34.76
C ILE F 24 -46.60 11.40 -35.45
N PRO F 25 -46.62 11.69 -36.77
CA PRO F 25 -47.90 11.71 -37.49
C PRO F 25 -48.39 10.32 -37.90
N PHE F 26 -49.25 10.24 -38.91
CA PHE F 26 -49.85 8.97 -39.31
C PHE F 26 -49.07 8.35 -40.47
N HIS F 27 -49.40 7.08 -40.74
CA HIS F 27 -48.82 6.29 -41.83
C HIS F 27 -47.29 6.39 -41.89
N PRO F 50 -45.98 6.65 -31.06
CA PRO F 50 -44.81 6.79 -30.21
C PRO F 50 -43.53 6.36 -30.91
N LEU F 51 -42.37 6.58 -30.28
CA LEU F 51 -41.10 6.18 -30.87
C LEU F 51 -39.97 6.30 -29.85
N ALA F 52 -39.18 5.23 -29.68
CA ALA F 52 -38.11 5.19 -28.71
C ALA F 52 -36.76 5.40 -29.40
N LEU F 53 -35.82 5.99 -28.65
CA LEU F 53 -34.50 6.34 -29.16
C LEU F 53 -33.48 6.26 -28.05
N LEU F 54 -32.23 5.99 -28.42
CA LEU F 54 -31.09 6.04 -27.52
C LEU F 54 -30.06 7.01 -28.08
N VAL F 55 -29.51 7.85 -27.21
CA VAL F 55 -28.49 8.82 -27.58
C VAL F 55 -27.43 8.85 -26.50
N HIS F 56 -26.20 9.19 -26.89
CA HIS F 56 -25.16 9.43 -25.92
C HIS F 56 -25.14 10.90 -25.52
N PRO F 57 -25.08 11.20 -24.23
CA PRO F 57 -25.09 12.61 -23.80
C PRO F 57 -23.98 13.45 -24.40
N GLN F 58 -22.83 12.84 -24.71
CA GLN F 58 -21.75 13.56 -25.38
C GLN F 58 -21.96 13.71 -26.87
N GLN F 59 -23.09 13.24 -27.41
CA GLN F 59 -23.37 13.40 -28.82
C GLN F 59 -23.99 14.78 -29.09
N PRO F 60 -23.76 15.35 -30.26
CA PRO F 60 -24.39 16.62 -30.59
C PRO F 60 -25.88 16.45 -30.86
N LEU F 61 -26.60 17.58 -30.86
CA LEU F 61 -28.01 17.56 -31.21
C LEU F 61 -28.23 17.21 -32.67
N SER F 62 -27.22 17.44 -33.52
CA SER F 62 -27.33 17.07 -34.93
C SER F 62 -27.65 15.59 -35.10
N TYR F 63 -27.07 14.74 -34.26
CA TYR F 63 -27.42 13.32 -34.25
C TYR F 63 -28.91 13.13 -33.99
N LEU F 64 -29.44 13.75 -32.93
CA LEU F 64 -30.87 13.73 -32.69
C LEU F 64 -31.65 14.24 -33.90
N GLU F 65 -31.16 15.30 -34.53
CA GLU F 65 -31.75 15.74 -35.79
C GLU F 65 -31.75 14.63 -36.83
N ARG F 66 -30.62 13.93 -36.97
CA ARG F 66 -30.51 12.87 -37.97
C ARG F 66 -31.55 11.77 -37.76
N LEU F 67 -31.78 11.39 -36.50
CA LEU F 67 -32.66 10.25 -36.23
C LEU F 67 -34.12 10.62 -36.42
N ILE F 68 -34.56 11.76 -35.85
CA ILE F 68 -35.94 12.20 -36.02
C ILE F 68 -36.28 12.34 -37.50
N GLN F 69 -35.38 12.95 -38.27
CA GLN F 69 -35.57 13.11 -39.71
C GLN F 69 -35.84 11.78 -40.41
N ALA F 70 -35.07 10.74 -40.07
CA ALA F 70 -35.25 9.44 -40.69
C ALA F 70 -36.57 8.77 -40.31
N GLU F 71 -37.25 9.24 -39.27
CA GLU F 71 -38.54 8.69 -38.86
C GLU F 71 -39.71 9.52 -39.33
N ILE F 72 -39.47 10.51 -40.19
CA ILE F 72 -40.54 11.35 -40.72
C ILE F 72 -40.38 11.50 -42.22
N TRP F 106 -30.92 26.67 -29.40
CA TRP F 106 -29.73 25.88 -29.12
C TRP F 106 -29.17 25.32 -30.44
N SER F 107 -27.86 25.36 -30.60
CA SER F 107 -27.25 24.98 -31.86
C SER F 107 -27.12 23.46 -31.97
N GLY F 108 -27.04 22.97 -33.20
CA GLY F 108 -26.90 21.54 -33.45
C GLY F 108 -25.62 20.94 -32.94
N SER F 109 -24.58 21.76 -32.77
CA SER F 109 -23.30 21.32 -32.23
C SER F 109 -23.23 21.45 -30.72
N THR F 110 -24.35 21.72 -30.05
CA THR F 110 -24.39 21.70 -28.61
C THR F 110 -24.68 20.29 -28.12
N GLU F 111 -23.73 19.73 -27.35
CA GLU F 111 -23.85 18.36 -26.87
C GLU F 111 -25.15 18.16 -26.10
N ILE F 112 -25.76 16.99 -26.29
CA ILE F 112 -27.07 16.71 -25.71
C ILE F 112 -27.01 16.72 -24.19
N GLY F 113 -25.89 16.23 -23.62
CA GLY F 113 -25.70 16.22 -22.19
C GLY F 113 -25.90 17.56 -21.52
N ASP F 114 -25.01 18.52 -21.83
CA ASP F 114 -25.12 19.86 -21.26
C ASP F 114 -26.42 20.56 -21.63
N PHE F 115 -26.94 20.32 -22.83
CA PHE F 115 -28.21 20.93 -23.23
C PHE F 115 -29.32 20.64 -22.23
N ILE F 116 -29.65 19.35 -22.05
CA ILE F 116 -30.73 18.97 -21.15
C ILE F 116 -30.39 19.34 -19.70
N ARG F 117 -29.10 19.39 -19.37
CA ARG F 117 -28.70 19.88 -18.06
C ARG F 117 -29.14 21.32 -17.85
N ASP F 118 -29.00 22.17 -18.87
CA ASP F 118 -29.53 23.53 -18.83
C ASP F 118 -31.05 23.57 -18.92
N ALA F 119 -31.63 22.81 -19.86
CA ALA F 119 -33.09 22.79 -20.01
C ALA F 119 -33.80 22.24 -18.79
N ALA F 120 -33.08 21.56 -17.88
CA ALA F 120 -33.69 21.05 -16.67
C ALA F 120 -34.32 22.16 -15.84
N ARG F 121 -33.82 23.39 -15.95
CA ARG F 121 -34.44 24.52 -15.29
C ARG F 121 -35.91 24.66 -15.69
N GLY F 122 -36.20 24.46 -16.96
CA GLY F 122 -37.56 24.51 -17.45
C GLY F 122 -38.36 23.24 -17.26
N ARG F 123 -37.72 22.16 -16.78
CA ARG F 123 -38.39 20.88 -16.50
C ARG F 123 -38.92 20.22 -17.76
N GLU F 124 -38.78 20.88 -18.90
CA GLU F 124 -39.24 20.35 -20.18
C GLU F 124 -38.36 20.95 -21.27
N PHE F 125 -38.74 20.69 -22.52
CA PHE F 125 -38.05 21.21 -23.67
C PHE F 125 -38.96 21.13 -24.88
N SER F 126 -38.73 22.02 -25.85
CA SER F 126 -39.57 22.11 -27.04
C SER F 126 -38.80 21.66 -28.27
N VAL F 127 -39.47 20.90 -29.13
CA VAL F 127 -38.93 20.51 -30.43
C VAL F 127 -40.02 20.75 -31.47
N THR F 128 -39.75 21.64 -32.43
CA THR F 128 -40.57 21.82 -33.61
C THR F 128 -39.76 21.36 -34.82
N ILE F 129 -40.46 20.97 -35.89
CA ILE F 129 -39.80 20.55 -37.11
C ILE F 129 -40.37 21.37 -38.27
N GLU F 130 -39.49 21.75 -39.20
CA GLU F 130 -39.86 22.54 -40.38
C GLU F 130 -41.01 21.91 -41.14
N GLY F 131 -42.23 22.03 -40.61
CA GLY F 131 -43.40 21.42 -41.22
C GLY F 131 -44.65 21.66 -40.41
N HIS F 132 -44.82 20.90 -39.33
CA HIS F 132 -45.97 21.09 -38.45
C HIS F 132 -45.86 22.43 -37.73
N ALA F 133 -47.01 22.94 -37.29
CA ALA F 133 -47.06 24.18 -36.51
C ALA F 133 -47.15 23.92 -35.01
N GLU F 134 -47.52 22.70 -34.62
CA GLU F 134 -47.54 22.32 -33.22
C GLU F 134 -46.15 21.88 -32.78
N GLU F 135 -45.69 22.41 -31.65
CA GLU F 135 -44.42 21.99 -31.11
C GLU F 135 -44.59 20.71 -30.29
N LEU F 136 -43.46 20.13 -29.93
CA LEU F 136 -43.44 18.91 -29.13
C LEU F 136 -42.74 19.18 -27.81
N ARG F 137 -43.36 18.74 -26.71
CA ARG F 137 -42.79 18.92 -25.39
C ARG F 137 -42.12 17.63 -24.94
N VAL F 138 -40.96 17.78 -24.30
CA VAL F 138 -40.17 16.65 -23.82
C VAL F 138 -39.74 16.95 -22.39
N ALA F 139 -40.25 16.17 -21.44
CA ALA F 139 -39.78 16.26 -20.07
C ALA F 139 -38.32 15.85 -19.99
N VAL F 140 -37.51 16.63 -19.28
CA VAL F 140 -36.09 16.32 -19.12
C VAL F 140 -35.85 15.79 -17.72
N PRO F 141 -34.87 14.92 -17.51
CA PRO F 141 -34.65 14.35 -16.18
C PRO F 141 -34.26 15.40 -15.16
N SER F 142 -34.71 15.21 -13.93
CA SER F 142 -34.14 15.90 -12.79
C SER F 142 -32.69 15.47 -12.59
N PHE F 143 -31.99 16.17 -11.70
CA PHE F 143 -30.68 15.68 -11.28
C PHE F 143 -30.81 14.32 -10.61
N LYS F 144 -31.72 14.20 -9.65
CA LYS F 144 -32.02 12.90 -9.04
C LYS F 144 -32.44 11.88 -10.09
N ASP F 145 -33.15 12.32 -11.13
CA ASP F 145 -33.51 11.42 -12.22
C ASP F 145 -32.28 10.89 -12.94
N ARG F 146 -31.38 11.79 -13.34
CA ARG F 146 -30.18 11.36 -14.07
C ARG F 146 -29.31 10.43 -13.23
N THR F 147 -29.24 10.68 -11.92
CA THR F 147 -28.30 10.01 -11.04
C THR F 147 -28.90 8.81 -10.31
N TYR F 148 -30.15 8.45 -10.59
CA TYR F 148 -30.83 7.37 -9.87
C TYR F 148 -30.00 6.09 -9.91
N TYR F 149 -29.74 5.57 -11.10
CA TYR F 149 -28.96 4.34 -11.21
C TYR F 149 -27.54 4.54 -10.71
N MET F 150 -26.94 5.70 -11.00
CA MET F 150 -25.58 5.98 -10.54
C MET F 150 -25.51 5.97 -9.02
N ARG F 151 -26.42 6.71 -8.36
CA ARG F 151 -26.43 6.72 -6.89
C ARG F 151 -26.86 5.37 -6.34
N MET F 152 -27.66 4.61 -7.09
CA MET F 152 -28.05 3.27 -6.65
C MET F 152 -26.84 2.34 -6.59
N ARG F 153 -25.99 2.40 -7.62
CA ARG F 153 -24.78 1.57 -7.63
C ARG F 153 -23.87 1.93 -6.46
N LEU F 154 -23.69 3.23 -6.20
CA LEU F 154 -22.78 3.66 -5.15
C LEU F 154 -23.18 3.09 -3.79
N ARG F 155 -24.46 3.18 -3.44
CA ARG F 155 -24.94 2.60 -2.20
C ARG F 155 -24.58 1.12 -2.12
N ARG F 156 -24.90 0.37 -3.17
CA ARG F 156 -24.52 -1.04 -3.25
C ARG F 156 -23.05 -1.25 -2.96
N MET F 157 -22.19 -0.55 -3.70
CA MET F 157 -20.75 -0.70 -3.53
C MET F 157 -20.31 -0.32 -2.12
N SER F 158 -20.75 0.84 -1.64
CA SER F 158 -20.43 1.26 -0.27
C SER F 158 -20.87 0.21 0.74
N GLN F 159 -22.08 -0.33 0.58
CA GLN F 159 -22.53 -1.42 1.44
C GLN F 159 -21.60 -2.62 1.35
N GLU F 160 -21.34 -3.08 0.12
CA GLU F 160 -20.46 -4.23 -0.07
C GLU F 160 -19.10 -4.02 0.58
N ILE F 161 -18.52 -2.82 0.41
CA ILE F 161 -17.26 -2.50 1.07
C ILE F 161 -17.41 -2.61 2.58
N ASP F 162 -18.43 -1.95 3.14
CA ASP F 162 -18.66 -2.02 4.58
C ASP F 162 -18.84 -3.44 5.06
N GLN F 163 -19.40 -4.31 4.21
CA GLN F 163 -19.49 -5.73 4.54
C GLN F 163 -18.13 -6.40 4.46
N MET F 164 -17.36 -6.09 3.41
CA MET F 164 -16.02 -6.65 3.26
C MET F 164 -15.14 -6.29 4.45
N ALA F 165 -15.11 -5.01 4.82
CA ALA F 165 -14.28 -4.57 5.94
C ALA F 165 -14.69 -5.25 7.25
N THR F 166 -16.00 -5.49 7.43
CA THR F 166 -16.47 -6.11 8.66
C THR F 166 -15.95 -7.55 8.80
N VAL F 167 -15.99 -8.31 7.70
CA VAL F 167 -15.40 -9.66 7.71
C VAL F 167 -13.95 -9.60 8.16
N LYS F 168 -13.19 -8.65 7.61
CA LYS F 168 -11.83 -8.40 8.07
C LYS F 168 -11.79 -8.14 9.56
N ARG F 169 -12.71 -7.30 10.06
CA ARG F 169 -12.73 -6.96 11.47
C ARG F 169 -13.18 -8.15 12.33
N GLU F 170 -14.12 -8.93 11.83
CA GLU F 170 -14.59 -10.11 12.56
C GLU F 170 -13.55 -11.23 12.59
N ALA F 171 -12.52 -11.17 11.75
CA ALA F 171 -11.50 -12.21 11.68
C ALA F 171 -10.20 -11.80 12.36
N LYS F 172 -10.15 -10.61 12.96
CA LYS F 172 -8.91 -10.08 13.54
C LYS F 172 -7.81 -10.06 12.48
N TRP F 173 -8.21 -9.69 11.26
CA TRP F 173 -7.31 -9.74 10.10
C TRP F 173 -6.04 -8.94 10.33
N ASP F 174 -6.17 -7.70 10.77
CA ASP F 174 -5.02 -6.84 11.01
C ASP F 174 -3.99 -7.53 11.91
N GLN F 175 -4.47 -8.18 12.97
CA GLN F 175 -3.56 -8.88 13.87
C GLN F 175 -3.01 -10.14 13.22
N LEU F 176 -3.84 -10.87 12.46
CA LEU F 176 -3.37 -12.09 11.82
C LEU F 176 -2.20 -11.82 10.89
N VAL F 177 -2.32 -10.82 10.03
CA VAL F 177 -1.23 -10.49 9.11
C VAL F 177 -0.01 -9.97 9.86
N HIS F 178 -0.22 -9.12 10.88
CA HIS F 178 0.89 -8.65 11.70
C HIS F 178 1.62 -9.82 12.35
N ASP F 179 0.88 -10.69 13.02
CA ASP F 179 1.49 -11.85 13.68
C ASP F 179 2.23 -12.73 12.68
N ALA F 180 1.62 -13.01 11.54
CA ALA F 180 2.27 -13.82 10.51
C ALA F 180 3.53 -13.14 9.99
N ASN F 181 3.39 -11.95 9.39
CA ASN F 181 4.54 -11.22 8.86
C ASN F 181 5.62 -11.04 9.91
N GLY F 182 5.23 -10.84 11.17
CA GLY F 182 6.18 -10.77 12.25
C GLY F 182 7.02 -12.02 12.37
N LEU F 183 6.40 -13.14 12.76
CA LEU F 183 7.16 -14.36 13.02
C LEU F 183 7.71 -15.01 11.75
N ARG F 184 7.34 -14.53 10.56
CA ARG F 184 8.10 -14.93 9.37
C ARG F 184 9.47 -14.27 9.37
N ARG F 185 9.53 -13.00 9.78
CA ARG F 185 10.82 -12.31 9.86
C ARG F 185 11.71 -12.95 10.91
N GLU F 186 11.12 -13.38 12.03
CA GLU F 186 11.92 -14.04 13.07
C GLU F 186 12.49 -15.37 12.58
N ILE F 187 11.69 -16.13 11.84
CA ILE F 187 12.16 -17.40 11.27
C ILE F 187 13.27 -17.13 10.26
N LYS F 188 12.98 -16.31 9.24
CA LYS F 188 13.98 -15.94 8.25
C LYS F 188 15.25 -15.42 8.92
N PHE F 189 15.10 -14.81 10.09
CA PHE F 189 16.25 -14.26 10.81
C PHE F 189 17.12 -15.38 11.36
N ALA F 190 16.49 -16.37 12.01
CA ALA F 190 17.25 -17.47 12.61
C ALA F 190 17.95 -18.31 11.55
N ALA F 191 17.32 -18.48 10.38
CA ALA F 191 17.98 -19.17 9.28
C ALA F 191 19.31 -18.50 8.96
N THR F 192 19.36 -17.17 8.98
CA THR F 192 20.62 -16.46 8.80
C THR F 192 21.58 -16.74 9.97
N GLU F 193 21.03 -16.94 11.16
CA GLU F 193 21.86 -17.18 12.34
C GLU F 193 22.50 -18.57 12.29
N TYR F 194 21.81 -19.54 11.71
CA TYR F 194 22.29 -20.91 11.57
C TYR F 194 23.02 -21.12 10.25
N GLY F 195 23.09 -20.11 9.39
CA GLY F 195 23.74 -20.25 8.11
C GLY F 195 22.97 -21.06 7.09
N VAL F 196 21.69 -21.35 7.35
CA VAL F 196 20.89 -22.18 6.47
C VAL F 196 20.01 -21.30 5.58
N GLU F 197 19.27 -21.92 4.66
CA GLU F 197 18.36 -21.22 3.77
C GLU F 197 16.95 -21.77 3.96
N TRP F 198 16.05 -20.89 4.41
CA TRP F 198 14.70 -21.26 4.83
C TRP F 198 13.75 -20.99 3.67
N ASP F 199 13.23 -22.06 3.07
CA ASP F 199 12.28 -21.96 1.98
C ASP F 199 10.88 -22.23 2.53
N GLU F 200 10.10 -21.17 2.71
CA GLU F 200 8.69 -21.34 3.05
C GLU F 200 7.98 -22.10 1.94
N MET F 201 6.74 -22.51 2.21
CA MET F 201 5.99 -23.43 1.37
C MET F 201 6.89 -24.60 0.90
N LYS F 202 7.37 -25.33 1.89
CA LYS F 202 8.21 -26.51 1.68
C LYS F 202 8.32 -27.31 2.97
N THR G 6 48.60 -10.02 21.46
CA THR G 6 47.28 -10.61 21.25
C THR G 6 46.21 -9.53 21.17
N LYS G 7 45.78 -9.22 19.95
CA LYS G 7 44.79 -8.18 19.74
C LYS G 7 43.39 -8.71 20.07
N GLY G 8 42.39 -7.85 19.87
CA GLY G 8 41.00 -8.22 20.08
C GLY G 8 40.23 -8.12 18.77
N ARG G 9 39.00 -8.63 18.80
CA ARG G 9 38.12 -8.65 17.65
C ARG G 9 36.74 -8.13 18.03
N LEU G 10 36.13 -7.37 17.13
CA LEU G 10 34.75 -6.90 17.28
C LEU G 10 33.99 -7.33 16.03
N LEU G 11 33.01 -8.22 16.21
CA LEU G 11 32.37 -8.91 15.10
C LEU G 11 30.93 -8.44 14.94
N THR G 12 30.49 -8.34 13.69
CA THR G 12 29.11 -8.03 13.38
C THR G 12 28.26 -9.29 13.48
N THR G 13 27.21 -9.22 14.29
CA THR G 13 26.30 -10.34 14.51
C THR G 13 25.17 -10.29 13.49
N PRO G 14 24.49 -11.41 13.24
CA PRO G 14 23.34 -11.36 12.31
C PRO G 14 22.29 -10.30 12.66
N THR G 15 22.04 -10.06 13.94
CA THR G 15 21.13 -8.99 14.33
C THR G 15 21.90 -7.67 14.43
N ARG G 16 21.31 -6.67 15.11
CA ARG G 16 21.92 -5.35 15.17
C ARG G 16 23.19 -5.32 16.01
N LEU G 17 23.37 -6.30 16.89
CA LEU G 17 24.34 -6.24 17.98
C LEU G 17 25.78 -6.30 17.44
N LEU G 18 26.72 -6.38 18.38
CA LEU G 18 28.14 -6.48 18.07
C LEU G 18 28.79 -7.42 19.06
N LYS G 19 29.33 -8.52 18.58
CA LYS G 19 30.08 -9.43 19.44
C LYS G 19 31.51 -8.93 19.58
N LEU G 20 31.98 -8.87 20.82
CA LEU G 20 33.33 -8.38 21.12
C LEU G 20 34.08 -9.47 21.86
N ILE G 21 35.28 -9.80 21.37
CA ILE G 21 36.12 -10.84 21.91
C ILE G 21 37.47 -10.22 22.26
N LEU G 22 37.88 -10.33 23.52
CA LEU G 22 39.18 -9.80 23.91
C LEU G 22 39.74 -10.57 25.10
N PRO G 23 41.07 -10.64 25.22
CA PRO G 23 41.68 -11.34 26.35
C PRO G 23 41.84 -10.46 27.58
N ILE G 24 41.95 -11.11 28.73
CA ILE G 24 42.30 -10.46 29.99
C ILE G 24 43.31 -11.33 30.72
N PRO G 25 44.24 -10.75 31.48
CA PRO G 25 45.14 -11.58 32.29
C PRO G 25 44.73 -11.61 33.76
N PHE G 26 44.47 -12.80 34.29
CA PHE G 26 44.07 -12.94 35.70
C PHE G 26 44.14 -14.40 36.14
N GLU G 49 39.74 -18.44 28.15
CA GLU G 49 40.57 -17.28 28.47
C GLU G 49 39.98 -15.95 27.95
N PRO G 50 39.74 -15.81 26.64
CA PRO G 50 39.24 -14.53 26.14
C PRO G 50 37.83 -14.27 26.62
N LEU G 51 37.39 -13.02 26.48
CA LEU G 51 36.08 -12.61 26.96
C LEU G 51 35.18 -12.24 25.79
N ALA G 52 33.95 -12.74 25.82
CA ALA G 52 32.95 -12.45 24.79
C ALA G 52 31.92 -11.48 25.34
N LEU G 53 31.51 -10.52 24.49
CA LEU G 53 30.64 -9.44 24.91
C LEU G 53 29.72 -9.03 23.76
N LEU G 54 28.47 -8.74 24.10
CA LEU G 54 27.50 -8.19 23.15
C LEU G 54 27.15 -6.76 23.56
N VAL G 55 27.19 -5.85 22.59
CA VAL G 55 26.77 -4.46 22.79
C VAL G 55 25.96 -4.02 21.58
N HIS G 56 25.11 -3.02 21.80
CA HIS G 56 24.29 -2.37 20.78
C HIS G 56 24.97 -1.08 20.32
N PRO G 57 25.01 -0.82 19.02
CA PRO G 57 25.63 0.42 18.54
C PRO G 57 24.98 1.69 19.10
N GLN G 58 23.68 1.65 19.41
CA GLN G 58 23.01 2.79 20.03
C GLN G 58 23.55 3.08 21.42
N GLN G 59 24.33 2.16 22.00
CA GLN G 59 24.71 2.27 23.39
C GLN G 59 25.97 3.13 23.54
N PRO G 60 26.11 3.83 24.66
CA PRO G 60 27.31 4.64 24.87
C PRO G 60 28.51 3.79 25.28
N LEU G 61 29.70 4.34 25.06
CA LEU G 61 30.94 3.65 25.42
C LEU G 61 31.04 3.40 26.92
N SER G 62 30.31 4.16 27.74
CA SER G 62 30.30 3.92 29.18
C SER G 62 29.86 2.49 29.49
N TYR G 63 28.89 1.97 28.73
CA TYR G 63 28.44 0.59 28.90
C TYR G 63 29.58 -0.39 28.70
N LEU G 64 30.39 -0.19 27.65
CA LEU G 64 31.58 -1.01 27.44
C LEU G 64 32.50 -0.95 28.65
N GLU G 65 32.77 0.27 29.16
CA GLU G 65 33.57 0.41 30.36
C GLU G 65 32.97 -0.39 31.52
N ARG G 66 31.65 -0.26 31.72
CA ARG G 66 30.99 -0.98 32.80
C ARG G 66 31.18 -2.49 32.66
N LEU G 67 31.03 -3.01 31.44
CA LEU G 67 31.20 -4.44 31.22
C LEU G 67 32.63 -4.90 31.50
N ILE G 68 33.63 -4.20 30.93
CA ILE G 68 35.02 -4.62 31.10
C ILE G 68 35.43 -4.55 32.58
N GLN G 69 34.99 -3.50 33.28
CA GLN G 69 35.32 -3.34 34.69
C GLN G 69 34.87 -4.54 35.51
N ALA G 70 33.66 -5.04 35.26
CA ALA G 70 33.16 -6.20 35.97
C ALA G 70 33.96 -7.47 35.68
N GLU G 71 34.77 -7.47 34.62
CA GLU G 71 35.56 -8.64 34.25
C GLU G 71 37.04 -8.49 34.59
N ILE G 72 37.43 -7.42 35.27
CA ILE G 72 38.82 -7.20 35.66
C ILE G 72 38.89 -6.76 37.11
N PRO G 73 39.98 -7.09 37.80
CA PRO G 73 40.13 -6.67 39.20
C PRO G 73 40.26 -5.16 39.32
N PRO G 74 40.16 -4.61 40.55
CA PRO G 74 40.45 -3.20 40.80
C PRO G 74 41.92 -2.85 40.60
N ASP G 79 44.03 1.23 51.94
CA ASP G 79 44.71 1.61 50.71
C ASP G 79 43.73 2.16 49.68
N ARG G 80 44.03 1.94 48.40
CA ARG G 80 43.24 2.45 47.29
C ARG G 80 42.59 1.27 46.58
N GLU G 81 41.26 1.17 46.70
CA GLU G 81 40.51 0.11 46.02
C GLU G 81 39.43 0.75 45.15
N LYS G 82 39.81 1.77 44.40
CA LYS G 82 38.93 2.26 43.34
C LYS G 82 38.90 1.25 42.21
N LEU G 83 38.01 1.49 41.28
CA LEU G 83 37.90 0.58 40.15
C LEU G 83 38.35 1.28 38.86
N PRO G 84 39.06 0.57 37.98
CA PRO G 84 39.81 1.26 36.92
C PRO G 84 38.90 1.88 35.87
N GLU G 85 39.41 2.91 35.20
CA GLU G 85 38.74 3.52 34.07
C GLU G 85 39.31 2.96 32.78
N ILE G 86 38.48 2.95 31.74
CA ILE G 86 38.85 2.40 30.44
C ILE G 86 38.84 3.53 29.42
N ILE G 87 39.92 3.65 28.66
CA ILE G 87 40.12 4.76 27.74
C ILE G 87 40.10 4.21 26.32
N PHE G 88 39.23 4.75 25.48
CA PHE G 88 39.11 4.34 24.09
C PHE G 88 39.68 5.43 23.19
N ARG G 89 40.52 5.02 22.23
CA ARG G 89 41.10 5.96 21.28
C ARG G 89 41.10 5.32 19.89
N ALA G 90 41.28 6.16 18.88
CA ALA G 90 41.31 5.72 17.49
C ALA G 90 41.94 6.83 16.66
N GLU G 91 42.37 6.46 15.45
CA GLU G 91 42.97 7.40 14.52
C GLU G 91 41.93 8.41 14.01
N TRP G 103 45.62 10.53 16.95
CA TRP G 103 45.23 9.48 17.89
C TRP G 103 44.68 10.07 19.17
N VAL G 104 43.34 10.05 19.28
CA VAL G 104 42.63 10.92 20.20
C VAL G 104 41.66 10.11 21.04
N ARG G 105 41.45 10.57 22.28
CA ARG G 105 40.50 9.95 23.18
C ARG G 105 39.07 10.12 22.67
N TRP G 106 38.19 9.24 23.11
CA TRP G 106 36.79 9.28 22.73
C TRP G 106 35.93 9.22 23.98
N SER G 107 34.92 10.07 24.04
CA SER G 107 34.12 10.22 25.25
C SER G 107 33.29 8.98 25.52
N GLY G 108 33.00 8.74 26.80
CA GLY G 108 32.13 7.65 27.20
C GLY G 108 30.66 7.98 27.02
N SER G 109 30.39 9.02 26.23
CA SER G 109 29.03 9.41 25.84
C SER G 109 28.80 9.20 24.35
N THR G 110 29.87 9.09 23.56
CA THR G 110 29.74 8.75 22.15
C THR G 110 29.18 7.34 22.00
N GLU G 111 28.30 7.15 21.03
CA GLU G 111 27.71 5.84 20.80
C GLU G 111 28.72 4.91 20.14
N ILE G 112 28.68 3.63 20.54
CA ILE G 112 29.65 2.65 20.08
C ILE G 112 29.64 2.56 18.56
N GLY G 113 28.45 2.54 17.96
CA GLY G 113 28.30 2.49 16.53
C GLY G 113 29.08 3.56 15.79
N ASP G 114 28.83 4.83 16.14
CA ASP G 114 29.57 5.94 15.56
C ASP G 114 31.05 5.89 15.92
N PHE G 115 31.42 5.30 17.05
CA PHE G 115 32.82 5.19 17.45
C PHE G 115 33.62 4.33 16.47
N ILE G 116 33.10 3.17 16.12
CA ILE G 116 33.88 2.22 15.33
C ILE G 116 33.85 2.55 13.84
N ARG G 117 32.80 3.25 13.38
CA ARG G 117 32.76 3.67 11.99
C ARG G 117 33.89 4.65 11.67
N ASP G 118 34.30 5.43 12.68
CA ASP G 118 35.49 6.27 12.55
C ASP G 118 36.75 5.47 12.83
N ALA G 119 36.69 4.51 13.75
CA ALA G 119 37.82 3.63 14.01
C ALA G 119 38.15 2.75 12.82
N ALA G 120 37.25 2.65 11.85
CA ALA G 120 37.53 1.87 10.65
C ALA G 120 38.69 2.45 9.85
N ARG G 121 38.82 3.78 9.84
CA ARG G 121 39.94 4.43 9.16
C ARG G 121 41.27 3.83 9.61
N GLY G 122 41.47 3.75 10.93
CA GLY G 122 42.65 3.14 11.49
C GLY G 122 42.71 1.64 11.42
N ARG G 123 41.60 0.98 11.09
CA ARG G 123 41.45 -0.47 10.97
C ARG G 123 41.52 -1.18 12.32
N GLU G 124 41.72 -0.45 13.42
CA GLU G 124 41.62 -0.97 14.77
C GLU G 124 41.51 0.23 15.71
N PHE G 125 41.08 -0.05 16.94
CA PHE G 125 40.99 1.00 17.96
C PHE G 125 41.67 0.52 19.23
N SER G 126 41.91 1.46 20.14
CA SER G 126 42.78 1.25 21.28
C SER G 126 41.97 1.28 22.58
N VAL G 127 42.26 0.31 23.45
CA VAL G 127 41.69 0.24 24.80
C VAL G 127 42.84 0.21 25.79
N THR G 128 42.86 1.18 26.69
CA THR G 128 43.82 1.22 27.80
C THR G 128 43.06 1.08 29.11
N ILE G 129 43.77 0.62 30.14
CA ILE G 129 43.17 0.36 31.45
C ILE G 129 44.03 1.05 32.49
N GLU G 130 43.40 1.82 33.39
CA GLU G 130 44.10 2.50 34.47
C GLU G 130 44.85 1.51 35.35
N GLY G 131 46.07 1.16 34.96
CA GLY G 131 46.84 0.18 35.70
C GLY G 131 47.77 -0.62 34.80
N HIS G 132 47.20 -1.48 33.96
CA HIS G 132 48.01 -2.27 33.04
C HIS G 132 48.72 -1.36 32.06
N ALA G 133 50.04 -1.53 31.95
CA ALA G 133 50.88 -0.63 31.17
C ALA G 133 50.64 -0.74 29.66
N GLU G 134 50.56 -1.95 29.13
CA GLU G 134 50.36 -2.14 27.70
C GLU G 134 48.89 -1.94 27.34
N GLU G 135 48.66 -1.47 26.11
CA GLU G 135 47.32 -1.23 25.64
C GLU G 135 46.78 -2.42 24.87
N LEU G 136 45.46 -2.54 24.83
CA LEU G 136 44.79 -3.57 24.05
C LEU G 136 44.24 -2.96 22.77
N ARG G 137 44.27 -3.75 21.70
CA ARG G 137 43.74 -3.31 20.42
C ARG G 137 42.66 -4.26 19.95
N VAL G 138 41.67 -3.70 19.25
CA VAL G 138 40.54 -4.46 18.71
C VAL G 138 40.38 -4.09 17.24
N ALA G 139 40.27 -5.11 16.38
CA ALA G 139 40.08 -4.86 14.95
C ALA G 139 38.62 -4.54 14.68
N VAL G 140 38.37 -3.40 14.04
CA VAL G 140 37.00 -2.95 13.75
C VAL G 140 36.52 -3.49 12.42
N PRO G 141 35.24 -3.85 12.31
CA PRO G 141 34.73 -4.39 11.04
C PRO G 141 34.81 -3.35 9.92
N SER G 142 35.11 -3.85 8.72
CA SER G 142 34.98 -3.04 7.51
C SER G 142 33.52 -2.63 7.31
N PHE G 143 33.30 -1.73 6.34
CA PHE G 143 31.93 -1.46 5.92
C PHE G 143 31.25 -2.74 5.43
N LYS G 144 31.96 -3.50 4.57
CA LYS G 144 31.45 -4.79 4.14
C LYS G 144 31.24 -5.73 5.31
N ASP G 145 32.15 -5.72 6.29
CA ASP G 145 32.01 -6.59 7.45
C ASP G 145 30.74 -6.28 8.23
N ARG G 146 30.40 -5.00 8.36
CA ARG G 146 29.20 -4.63 9.10
C ARG G 146 27.93 -5.03 8.35
N THR G 147 27.89 -4.75 7.05
CA THR G 147 26.70 -4.91 6.24
C THR G 147 26.57 -6.30 5.63
N TYR G 148 27.47 -7.23 5.97
CA TYR G 148 27.45 -8.58 5.42
C TYR G 148 26.07 -9.23 5.55
N TYR G 149 25.65 -9.49 6.78
CA TYR G 149 24.34 -10.09 7.01
C TYR G 149 23.22 -9.20 6.47
N MET G 150 23.34 -7.89 6.66
CA MET G 150 22.34 -6.96 6.14
C MET G 150 22.21 -7.08 4.63
N ARG G 151 23.35 -7.07 3.92
CA ARG G 151 23.29 -7.18 2.47
C ARG G 151 22.88 -8.58 2.02
N MET G 152 23.03 -9.60 2.88
CA MET G 152 22.54 -10.92 2.53
C MET G 152 21.02 -10.99 2.59
N ARG G 153 20.43 -10.48 3.69
CA ARG G 153 18.97 -10.49 3.81
C ARG G 153 18.32 -9.79 2.62
N LEU G 154 18.95 -8.73 2.11
CA LEU G 154 18.44 -8.04 0.94
C LEU G 154 18.42 -8.96 -0.27
N ARG G 155 19.56 -9.57 -0.58
CA ARG G 155 19.64 -10.48 -1.72
C ARG G 155 18.56 -11.55 -1.67
N ARG G 156 18.43 -12.23 -0.53
CA ARG G 156 17.34 -13.18 -0.33
C ARG G 156 15.99 -12.54 -0.63
N MET G 157 15.72 -11.39 -0.01
CA MET G 157 14.44 -10.73 -0.20
C MET G 157 14.25 -10.28 -1.65
N SER G 158 15.29 -9.69 -2.24
CA SER G 158 15.22 -9.29 -3.64
C SER G 158 14.93 -10.48 -4.54
N GLN G 159 15.63 -11.59 -4.34
CA GLN G 159 15.36 -12.81 -5.09
C GLN G 159 13.94 -13.31 -4.84
N GLU G 160 13.53 -13.34 -3.57
CA GLU G 160 12.19 -13.83 -3.22
C GLU G 160 11.12 -13.03 -3.93
N ILE G 161 11.27 -11.70 -4.00
CA ILE G 161 10.36 -10.88 -4.78
C ILE G 161 10.35 -11.34 -6.23
N ASP G 162 11.53 -11.57 -6.81
CA ASP G 162 11.63 -11.96 -8.21
C ASP G 162 10.91 -13.28 -8.46
N GLN G 163 10.94 -14.20 -7.50
CA GLN G 163 10.10 -15.40 -7.58
C GLN G 163 8.63 -15.02 -7.61
N MET G 164 8.19 -14.25 -6.60
CA MET G 164 6.78 -13.91 -6.46
C MET G 164 6.24 -13.23 -7.71
N ALA G 165 6.99 -12.25 -8.23
CA ALA G 165 6.57 -11.57 -9.45
C ALA G 165 6.58 -12.52 -10.64
N THR G 166 7.54 -13.45 -10.68
CA THR G 166 7.60 -14.42 -11.78
C THR G 166 6.34 -15.29 -11.80
N VAL G 167 5.92 -15.79 -10.64
CA VAL G 167 4.67 -16.55 -10.55
C VAL G 167 3.50 -15.71 -11.07
N LYS G 168 3.41 -14.46 -10.60
CA LYS G 168 2.39 -13.55 -11.10
C LYS G 168 2.39 -13.48 -12.62
N ARG G 169 3.57 -13.38 -13.23
CA ARG G 169 3.66 -13.28 -14.68
C ARG G 169 3.30 -14.60 -15.35
N GLU G 170 4.02 -15.68 -14.99
CA GLU G 170 3.80 -16.97 -15.64
C GLU G 170 2.39 -17.50 -15.43
N ALA G 171 1.63 -16.93 -14.50
CA ALA G 171 0.22 -17.26 -14.33
C ALA G 171 -0.70 -16.22 -14.93
N LYS G 172 -0.14 -15.20 -15.59
CA LYS G 172 -0.93 -14.13 -16.23
C LYS G 172 -1.96 -13.56 -15.26
N TRP G 173 -1.49 -13.20 -14.07
CA TRP G 173 -2.35 -12.68 -13.01
C TRP G 173 -2.98 -11.35 -13.41
N ASP G 174 -2.17 -10.44 -13.95
CA ASP G 174 -2.65 -9.11 -14.31
C ASP G 174 -3.89 -9.18 -15.20
N GLN G 175 -3.90 -10.13 -16.13
CA GLN G 175 -5.08 -10.31 -16.98
C GLN G 175 -6.22 -10.97 -16.22
N LEU G 176 -5.91 -11.93 -15.35
CA LEU G 176 -6.96 -12.66 -14.65
C LEU G 176 -7.79 -11.74 -13.76
N VAL G 177 -7.13 -10.88 -13.00
CA VAL G 177 -7.85 -9.92 -12.16
C VAL G 177 -8.58 -8.90 -13.02
N HIS G 178 -8.00 -8.53 -14.16
CA HIS G 178 -8.67 -7.56 -15.03
C HIS G 178 -9.92 -8.17 -15.67
N ASP G 179 -9.79 -9.37 -16.22
CA ASP G 179 -10.95 -10.05 -16.79
C ASP G 179 -12.03 -10.31 -15.73
N ALA G 180 -11.62 -10.79 -14.56
CA ALA G 180 -12.56 -11.04 -13.47
C ALA G 180 -13.29 -9.76 -13.08
N ASN G 181 -12.54 -8.78 -12.53
CA ASN G 181 -13.14 -7.51 -12.11
C ASN G 181 -13.92 -6.85 -13.24
N GLY G 182 -13.46 -7.02 -14.48
CA GLY G 182 -14.20 -6.55 -15.63
C GLY G 182 -15.59 -7.15 -15.72
N LEU G 183 -15.67 -8.46 -15.96
CA LEU G 183 -16.97 -9.12 -16.12
C LEU G 183 -17.81 -9.11 -14.84
N ARG G 184 -17.21 -8.86 -13.67
CA ARG G 184 -18.02 -8.67 -12.47
C ARG G 184 -18.84 -7.40 -12.58
N ARG G 185 -18.28 -6.37 -13.24
CA ARG G 185 -19.02 -5.13 -13.41
C ARG G 185 -20.24 -5.33 -14.31
N GLU G 186 -20.04 -5.98 -15.46
CA GLU G 186 -21.15 -6.19 -16.39
C GLU G 186 -22.28 -7.00 -15.74
N ILE G 187 -21.93 -7.94 -14.87
CA ILE G 187 -22.95 -8.71 -14.15
C ILE G 187 -23.73 -7.79 -13.22
N LYS G 188 -23.02 -7.16 -12.27
CA LYS G 188 -23.63 -6.17 -11.38
C LYS G 188 -24.40 -5.14 -12.17
N PHE G 189 -23.94 -4.82 -13.37
CA PHE G 189 -24.60 -3.84 -14.22
C PHE G 189 -25.94 -4.38 -14.71
N ALA G 190 -25.96 -5.65 -15.13
CA ALA G 190 -27.18 -6.25 -15.65
C ALA G 190 -28.23 -6.43 -14.56
N ALA G 191 -27.81 -6.89 -13.38
CA ALA G 191 -28.74 -7.00 -12.25
C ALA G 191 -29.45 -5.68 -12.01
N THR G 192 -28.72 -4.56 -12.08
CA THR G 192 -29.35 -3.24 -12.04
C THR G 192 -30.35 -3.08 -13.18
N GLU G 193 -29.97 -3.51 -14.39
CA GLU G 193 -30.84 -3.36 -15.55
C GLU G 193 -32.12 -4.18 -15.40
N TYR G 194 -32.04 -5.31 -14.70
CA TYR G 194 -33.19 -6.17 -14.45
C TYR G 194 -33.90 -5.83 -13.14
N GLY G 195 -33.37 -4.89 -12.37
CA GLY G 195 -33.99 -4.53 -11.11
C GLY G 195 -33.84 -5.57 -10.01
N VAL G 196 -32.80 -6.40 -10.10
CA VAL G 196 -32.57 -7.46 -9.12
C VAL G 196 -31.26 -7.20 -8.38
N GLU G 197 -31.02 -7.95 -7.30
CA GLU G 197 -29.77 -7.92 -6.56
C GLU G 197 -28.95 -9.14 -6.94
N TRP G 198 -27.67 -9.12 -6.62
CA TRP G 198 -26.74 -10.17 -7.05
C TRP G 198 -25.62 -10.26 -6.02
N ASP G 199 -25.66 -11.31 -5.20
CA ASP G 199 -24.74 -11.48 -4.07
C ASP G 199 -23.45 -12.20 -4.46
N GLU G 200 -23.25 -12.50 -5.74
CA GLU G 200 -22.05 -13.18 -6.23
C GLU G 200 -21.80 -14.51 -5.54
N MET G 201 -22.86 -15.15 -5.06
CA MET G 201 -22.77 -16.46 -4.43
C MET G 201 -23.70 -17.46 -5.13
N LYS H 7 0.01 3.25 49.44
CA LYS H 7 0.94 2.18 49.13
C LYS H 7 1.54 2.31 47.73
N GLY H 8 2.05 1.19 47.22
CA GLY H 8 2.71 1.22 45.94
C GLY H 8 1.74 1.46 44.79
N ARG H 9 2.29 1.97 43.69
CA ARG H 9 1.51 2.20 42.48
C ARG H 9 2.37 1.93 41.26
N LEU H 10 1.75 1.35 40.23
CA LEU H 10 2.41 1.09 38.96
C LEU H 10 1.65 1.83 37.88
N LEU H 11 2.32 2.80 37.23
CA LEU H 11 1.66 3.75 36.35
C LEU H 11 2.05 3.52 34.91
N THR H 12 1.11 3.76 34.00
CA THR H 12 1.42 3.76 32.58
C THR H 12 2.07 5.07 32.18
N THR H 13 3.08 4.99 31.32
CA THR H 13 3.83 6.14 30.84
C THR H 13 3.47 6.41 29.39
N PRO H 14 3.73 7.63 28.88
CA PRO H 14 3.41 7.91 27.48
C PRO H 14 4.06 6.96 26.46
N THR H 15 5.20 6.37 26.79
CA THR H 15 5.78 5.32 25.95
C THR H 15 5.30 3.95 26.46
N ARG H 16 5.83 2.88 25.90
CA ARG H 16 5.37 1.55 26.29
C ARG H 16 5.80 1.17 27.71
N LEU H 17 6.70 1.94 28.32
CA LEU H 17 7.27 1.61 29.62
C LEU H 17 6.20 1.64 30.71
N LEU H 18 6.66 1.45 31.95
CA LEU H 18 5.81 1.48 33.14
C LEU H 18 6.59 2.15 34.26
N LYS H 19 5.97 3.11 34.93
CA LYS H 19 6.56 3.70 36.11
C LYS H 19 5.98 3.03 37.36
N LEU H 20 6.85 2.62 38.26
CA LEU H 20 6.46 1.95 39.49
C LEU H 20 6.93 2.80 40.67
N ILE H 21 6.03 3.00 41.64
CA ILE H 21 6.31 3.79 42.84
C ILE H 21 5.96 2.92 44.04
N LEU H 22 6.88 2.83 45.00
CA LEU H 22 6.65 2.09 46.23
C LEU H 22 7.71 2.45 47.26
N PRO H 23 7.43 2.29 48.56
CA PRO H 23 8.39 2.47 49.66
C PRO H 23 9.49 1.41 49.67
N GLU H 49 9.13 7.50 51.88
CA GLU H 49 10.25 7.83 51.00
C GLU H 49 10.17 6.95 49.75
N PRO H 50 9.10 7.08 48.97
CA PRO H 50 8.84 6.12 47.90
C PRO H 50 9.96 6.07 46.86
N LEU H 51 10.04 4.94 46.18
CA LEU H 51 11.06 4.68 45.16
C LEU H 51 10.39 4.64 43.78
N ALA H 52 11.02 5.30 42.81
CA ALA H 52 10.52 5.35 41.45
C ALA H 52 11.32 4.41 40.56
N LEU H 53 10.63 3.76 39.63
CA LEU H 53 11.25 2.75 38.77
C LEU H 53 10.65 2.84 37.37
N LEU H 54 11.44 2.40 36.38
CA LEU H 54 10.99 2.27 35.00
C LEU H 54 11.34 0.88 34.50
N VAL H 55 10.31 0.15 34.03
CA VAL H 55 10.48 -1.20 33.51
C VAL H 55 9.71 -1.30 32.20
N HIS H 56 10.00 -2.36 31.45
CA HIS H 56 9.37 -2.66 30.17
C HIS H 56 8.43 -3.85 30.34
N PRO H 57 7.22 -3.80 29.77
CA PRO H 57 6.30 -4.94 29.91
C PRO H 57 6.85 -6.26 29.41
N GLN H 58 7.77 -6.23 28.44
CA GLN H 58 8.39 -7.45 27.92
C GLN H 58 9.59 -7.90 28.74
N GLN H 59 9.80 -7.33 29.88
CA GLN H 59 10.90 -7.89 30.65
C GLN H 59 10.37 -8.88 31.69
N PRO H 60 11.18 -9.83 32.12
CA PRO H 60 10.74 -10.75 33.18
C PRO H 60 10.77 -10.09 34.55
N LEU H 61 9.99 -10.68 35.47
CA LEU H 61 9.92 -10.17 36.84
C LEU H 61 11.27 -10.20 37.54
N SER H 62 12.18 -11.07 37.11
CA SER H 62 13.53 -11.09 37.67
C SER H 62 14.16 -9.70 37.65
N TYR H 63 13.89 -8.94 36.59
CA TYR H 63 14.43 -7.58 36.48
C TYR H 63 13.89 -6.69 37.60
N LEU H 64 12.58 -6.76 37.87
CA LEU H 64 12.02 -6.06 39.02
C LEU H 64 12.70 -6.49 40.31
N GLU H 65 12.94 -7.80 40.47
CA GLU H 65 13.65 -8.28 41.65
C GLU H 65 15.04 -7.67 41.73
N ARG H 66 15.78 -7.66 40.62
CA ARG H 66 17.13 -7.10 40.62
C ARG H 66 17.11 -5.64 41.02
N LEU H 67 16.19 -4.86 40.42
CA LEU H 67 16.11 -3.44 40.73
C LEU H 67 15.70 -3.21 42.17
N ILE H 68 14.73 -3.98 42.69
CA ILE H 68 14.27 -3.79 44.06
C ILE H 68 15.37 -4.19 45.05
N GLN H 69 16.05 -5.31 44.80
CA GLN H 69 17.07 -5.79 45.72
C GLN H 69 18.22 -4.79 45.86
N ALA H 70 18.52 -4.04 44.80
CA ALA H 70 19.55 -3.01 44.87
C ALA H 70 19.16 -1.86 45.79
N GLU H 71 17.86 -1.62 46.00
CA GLU H 71 17.41 -0.50 46.83
C GLU H 71 16.98 -0.95 48.23
N ILE H 72 17.41 -2.13 48.66
CA ILE H 72 17.09 -2.64 49.99
C ILE H 72 18.33 -3.31 50.58
N PRO H 73 18.38 -3.45 51.90
CA PRO H 73 19.52 -4.13 52.53
C PRO H 73 19.46 -5.63 52.34
N PRO H 74 20.55 -6.36 52.64
CA PRO H 74 20.52 -7.83 52.51
C PRO H 74 19.90 -8.51 53.71
N LEU H 75 20.37 -9.72 54.02
CA LEU H 75 19.87 -10.48 55.17
C LEU H 75 20.99 -11.31 55.79
N GLU H 81 26.30 -12.65 54.22
CA GLU H 81 24.93 -12.20 53.97
C GLU H 81 24.55 -12.42 52.51
N LYS H 82 23.24 -12.56 52.26
CA LYS H 82 22.73 -12.91 50.94
C LYS H 82 21.58 -11.98 50.59
N LEU H 83 21.32 -11.88 49.28
CA LEU H 83 20.21 -11.07 48.79
C LEU H 83 18.88 -11.70 49.21
N PRO H 84 17.90 -10.87 49.56
CA PRO H 84 16.56 -11.40 49.86
C PRO H 84 15.79 -11.67 48.58
N GLU H 85 15.35 -12.91 48.41
CA GLU H 85 14.47 -13.23 47.29
C GLU H 85 13.10 -12.61 47.53
N ILE H 86 12.64 -11.82 46.57
CA ILE H 86 11.32 -11.18 46.64
C ILE H 86 10.41 -11.90 45.65
N ILE H 87 9.17 -12.14 46.06
CA ILE H 87 8.24 -12.93 45.26
C ILE H 87 7.00 -12.09 44.97
N PHE H 88 6.50 -12.19 43.74
CA PHE H 88 5.32 -11.44 43.32
C PHE H 88 4.13 -12.39 43.28
N ARG H 89 3.05 -12.01 43.95
CA ARG H 89 1.82 -12.79 43.94
C ARG H 89 0.68 -11.90 43.48
N ALA H 90 -0.12 -12.40 42.54
CA ALA H 90 -1.35 -11.77 42.11
C ALA H 90 -2.51 -12.69 42.46
N GLU H 91 -3.73 -12.18 42.24
CA GLU H 91 -4.93 -12.86 42.68
C GLU H 91 -5.37 -13.89 41.64
N ALA H 92 -5.95 -14.98 42.12
CA ALA H 92 -6.46 -16.03 41.26
C ALA H 92 -7.84 -16.50 41.74
N HIS H 102 -5.51 -19.18 45.76
CA HIS H 102 -6.35 -18.11 45.26
C HIS H 102 -5.50 -16.84 45.15
N TRP H 103 -4.39 -16.85 45.88
CA TRP H 103 -3.32 -15.87 45.78
C TRP H 103 -2.04 -16.64 45.46
N VAL H 104 -1.52 -16.48 44.25
CA VAL H 104 -0.48 -17.37 43.75
C VAL H 104 0.72 -16.57 43.25
N ARG H 105 1.89 -17.21 43.29
CA ARG H 105 3.15 -16.59 42.93
C ARG H 105 3.40 -16.77 41.44
N TRP H 106 3.69 -15.66 40.75
CA TRP H 106 4.10 -15.71 39.36
C TRP H 106 5.59 -16.01 39.28
N SER H 107 5.99 -16.79 38.27
CA SER H 107 7.38 -17.15 38.11
C SER H 107 8.21 -15.93 37.73
N GLY H 108 9.47 -15.93 38.17
CA GLY H 108 10.40 -14.87 37.82
C GLY H 108 10.70 -14.74 36.34
N SER H 109 10.23 -15.68 35.53
CA SER H 109 10.43 -15.67 34.08
C SER H 109 9.19 -15.25 33.32
N THR H 110 8.11 -14.89 34.02
CA THR H 110 6.92 -14.38 33.34
C THR H 110 7.05 -12.88 33.13
N GLU H 111 6.61 -12.43 31.96
CA GLU H 111 6.78 -11.03 31.58
C GLU H 111 5.90 -10.12 32.43
N ILE H 112 6.42 -8.93 32.74
CA ILE H 112 5.71 -8.00 33.62
C ILE H 112 4.37 -7.62 33.02
N GLY H 113 4.33 -7.40 31.71
CA GLY H 113 3.09 -7.13 31.00
C GLY H 113 2.03 -8.19 31.24
N ASP H 114 2.35 -9.45 30.94
CA ASP H 114 1.43 -10.54 31.22
C ASP H 114 1.15 -10.70 32.72
N PHE H 115 2.02 -10.18 33.59
CA PHE H 115 1.76 -10.29 35.02
C PHE H 115 0.70 -9.29 35.47
N ILE H 116 0.75 -8.06 34.96
CA ILE H 116 -0.17 -7.03 35.44
C ILE H 116 -1.56 -7.19 34.83
N ARG H 117 -1.65 -7.70 33.59
CA ARG H 117 -2.97 -7.88 32.98
C ARG H 117 -3.77 -8.97 33.68
N ASP H 118 -3.10 -9.92 34.33
CA ASP H 118 -3.81 -10.88 35.16
C ASP H 118 -4.07 -10.30 36.54
N ALA H 119 -3.20 -9.39 37.00
CA ALA H 119 -3.40 -8.76 38.31
C ALA H 119 -4.59 -7.81 38.32
N ALA H 120 -5.03 -7.32 37.15
CA ALA H 120 -6.15 -6.39 37.10
C ALA H 120 -7.43 -6.98 37.67
N ARG H 121 -7.61 -8.30 37.54
CA ARG H 121 -8.74 -8.98 38.18
C ARG H 121 -8.83 -8.60 39.65
N GLY H 122 -7.70 -8.66 40.35
CA GLY H 122 -7.59 -8.15 41.71
C GLY H 122 -7.25 -6.69 41.83
N ARG H 123 -6.93 -6.03 40.71
CA ARG H 123 -6.68 -4.59 40.63
C ARG H 123 -5.47 -4.16 41.46
N GLU H 124 -4.75 -5.12 42.00
CA GLU H 124 -3.46 -4.90 42.66
C GLU H 124 -2.78 -6.25 42.83
N PHE H 125 -1.49 -6.21 43.21
CA PHE H 125 -0.70 -7.42 43.39
C PHE H 125 0.21 -7.26 44.60
N SER H 126 0.65 -8.40 45.14
CA SER H 126 1.47 -8.45 46.34
C SER H 126 2.95 -8.49 45.98
N VAL H 127 3.77 -7.85 46.82
CA VAL H 127 5.22 -8.02 46.81
C VAL H 127 5.64 -8.30 48.24
N THR H 128 6.36 -9.41 48.45
CA THR H 128 6.90 -9.78 49.75
C THR H 128 8.41 -9.85 49.65
N ILE H 129 9.09 -9.36 50.68
CA ILE H 129 10.54 -9.39 50.76
C ILE H 129 10.93 -10.51 51.71
N GLU H 130 11.86 -11.36 51.30
CA GLU H 130 12.41 -12.39 52.17
C GLU H 130 12.93 -11.77 53.46
N GLY H 131 12.13 -11.82 54.52
CA GLY H 131 12.51 -11.20 55.77
C GLY H 131 11.45 -10.27 56.34
N HIS H 132 11.16 -9.18 55.62
CA HIS H 132 10.14 -8.25 56.07
C HIS H 132 8.80 -8.96 56.17
N ALA H 133 8.19 -8.88 57.36
CA ALA H 133 6.96 -9.60 57.65
C ALA H 133 5.80 -9.20 56.75
N GLU H 134 5.44 -7.91 56.71
CA GLU H 134 4.28 -7.47 55.96
C GLU H 134 4.63 -7.31 54.48
N GLU H 135 3.59 -7.32 53.64
CA GLU H 135 3.75 -7.30 52.20
C GLU H 135 3.44 -5.93 51.63
N LEU H 136 3.98 -5.68 50.43
CA LEU H 136 3.61 -4.52 49.65
C LEU H 136 2.50 -4.91 48.67
N ARG H 137 1.53 -4.02 48.51
CA ARG H 137 0.50 -4.17 47.49
C ARG H 137 0.56 -2.98 46.55
N VAL H 138 0.50 -3.27 45.25
CA VAL H 138 0.67 -2.29 44.19
C VAL H 138 -0.55 -2.33 43.30
N ALA H 139 -1.33 -1.24 43.31
CA ALA H 139 -2.44 -1.09 42.38
C ALA H 139 -1.94 -1.21 40.95
N VAL H 140 -2.59 -2.05 40.15
CA VAL H 140 -2.21 -2.22 38.75
C VAL H 140 -3.11 -1.37 37.87
N PRO H 141 -2.62 -0.85 36.75
CA PRO H 141 -3.48 -0.05 35.87
C PRO H 141 -4.66 -0.85 35.35
N SER H 142 -5.72 -0.14 34.97
CA SER H 142 -6.82 -0.76 34.26
C SER H 142 -6.51 -0.79 32.76
N PHE H 143 -7.42 -1.38 31.99
CA PHE H 143 -7.27 -1.36 30.53
C PHE H 143 -7.37 0.06 29.99
N LYS H 144 -8.34 0.84 30.49
CA LYS H 144 -8.43 2.24 30.10
C LYS H 144 -7.26 3.05 30.64
N ASP H 145 -6.60 2.55 31.69
CA ASP H 145 -5.39 3.20 32.19
C ASP H 145 -4.20 2.89 31.31
N ARG H 146 -4.02 1.60 30.96
CA ARG H 146 -2.87 1.21 30.16
C ARG H 146 -2.94 1.80 28.76
N THR H 147 -4.14 2.07 28.28
CA THR H 147 -4.37 2.52 26.92
C THR H 147 -4.68 4.01 26.82
N TYR H 148 -4.61 4.75 27.93
CA TYR H 148 -4.95 6.17 27.93
C TYR H 148 -4.15 6.92 26.87
N TYR H 149 -2.83 7.00 27.07
CA TYR H 149 -1.98 7.69 26.10
C TYR H 149 -2.08 7.06 24.72
N MET H 150 -2.19 5.73 24.66
CA MET H 150 -2.33 5.06 23.37
C MET H 150 -3.61 5.47 22.67
N ARG H 151 -4.75 5.36 23.37
CA ARG H 151 -6.01 5.83 22.80
C ARG H 151 -5.98 7.34 22.54
N MET H 152 -5.28 8.10 23.40
CA MET H 152 -5.18 9.54 23.20
C MET H 152 -4.46 9.87 21.90
N ARG H 153 -3.39 9.13 21.59
CA ARG H 153 -2.68 9.35 20.33
C ARG H 153 -3.60 9.08 19.13
N LEU H 154 -4.46 8.07 19.24
CA LEU H 154 -5.30 7.68 18.12
C LEU H 154 -6.34 8.76 17.81
N ARG H 155 -7.00 9.28 18.85
CA ARG H 155 -7.97 10.36 18.66
C ARG H 155 -7.34 11.52 17.89
N ARG H 156 -6.16 11.97 18.32
CA ARG H 156 -5.46 13.04 17.63
C ARG H 156 -5.16 12.66 16.18
N MET H 157 -4.64 11.46 15.96
CA MET H 157 -4.33 11.03 14.60
C MET H 157 -5.61 10.92 13.76
N SER H 158 -6.63 10.23 14.29
CA SER H 158 -7.90 10.14 13.58
C SER H 158 -8.44 11.52 13.21
N GLN H 159 -8.50 12.43 14.18
CA GLN H 159 -8.92 13.81 13.89
C GLN H 159 -8.02 14.44 12.83
N GLU H 160 -6.70 14.30 12.98
CA GLU H 160 -5.78 14.82 11.98
C GLU H 160 -6.09 14.24 10.60
N ILE H 161 -6.43 12.96 10.54
CA ILE H 161 -6.77 12.33 9.27
C ILE H 161 -8.01 12.97 8.67
N ASP H 162 -9.01 13.25 9.51
CA ASP H 162 -10.23 13.89 9.03
C ASP H 162 -9.93 15.28 8.48
N GLN H 163 -9.17 16.08 9.22
CA GLN H 163 -8.80 17.42 8.74
C GLN H 163 -8.06 17.35 7.40
N MET H 164 -7.09 16.44 7.29
CA MET H 164 -6.39 16.27 6.02
C MET H 164 -7.35 15.86 4.91
N ALA H 165 -8.28 14.96 5.20
CA ALA H 165 -9.24 14.52 4.19
C ALA H 165 -10.27 15.60 3.90
N THR H 166 -10.73 16.32 4.93
CA THR H 166 -11.71 17.39 4.72
C THR H 166 -11.17 18.45 3.77
N VAL H 167 -9.89 18.81 3.91
CA VAL H 167 -9.27 19.74 2.97
C VAL H 167 -9.33 19.18 1.55
N LYS H 168 -9.02 17.90 1.40
CA LYS H 168 -9.10 17.26 0.09
C LYS H 168 -10.50 17.40 -0.52
N ARG H 169 -11.53 17.20 0.30
CA ARG H 169 -12.91 17.37 -0.18
C ARG H 169 -13.18 18.83 -0.54
N GLU H 170 -13.10 19.72 0.46
CA GLU H 170 -13.39 21.14 0.26
C GLU H 170 -12.52 21.80 -0.80
N ALA H 171 -11.62 21.05 -1.45
CA ALA H 171 -10.78 21.57 -2.51
C ALA H 171 -10.94 20.82 -3.83
N LYS H 172 -11.99 20.00 -3.96
CA LYS H 172 -12.29 19.24 -5.18
C LYS H 172 -11.06 18.47 -5.67
N TRP H 173 -10.40 17.79 -4.73
CA TRP H 173 -9.16 17.09 -5.05
C TRP H 173 -9.38 15.98 -6.07
N ASP H 174 -10.48 15.24 -5.92
CA ASP H 174 -10.76 14.13 -6.83
C ASP H 174 -10.88 14.61 -8.27
N GLN H 175 -11.71 15.63 -8.51
CA GLN H 175 -11.83 16.20 -9.85
C GLN H 175 -10.53 16.85 -10.33
N LEU H 176 -9.69 17.30 -9.40
CA LEU H 176 -8.44 17.94 -9.78
C LEU H 176 -7.52 16.97 -10.51
N VAL H 177 -7.06 15.92 -9.81
CA VAL H 177 -6.13 14.96 -10.41
C VAL H 177 -6.73 14.30 -11.64
N HIS H 178 -8.01 13.90 -11.56
CA HIS H 178 -8.64 13.21 -12.69
C HIS H 178 -8.61 14.08 -13.94
N ASP H 179 -9.02 15.35 -13.81
CA ASP H 179 -8.90 16.28 -14.93
C ASP H 179 -7.44 16.47 -15.33
N ALA H 180 -6.54 16.52 -14.36
CA ALA H 180 -5.12 16.65 -14.63
C ALA H 180 -4.55 15.38 -15.29
N ASN H 181 -4.57 14.26 -14.55
CA ASN H 181 -4.17 12.98 -15.11
C ASN H 181 -4.81 12.73 -16.47
N GLY H 182 -6.10 13.02 -16.58
CA GLY H 182 -6.83 12.89 -17.82
C GLY H 182 -6.25 13.71 -18.96
N LEU H 183 -6.49 15.03 -18.97
CA LEU H 183 -6.08 15.86 -20.09
C LEU H 183 -4.57 15.88 -20.29
N ARG H 184 -3.78 15.43 -19.32
CA ARG H 184 -2.39 15.13 -19.61
C ARG H 184 -2.27 14.05 -20.67
N ARG H 185 -3.00 12.94 -20.47
CA ARG H 185 -2.96 11.84 -21.42
C ARG H 185 -3.43 12.29 -22.80
N GLU H 186 -4.44 13.16 -22.84
CA GLU H 186 -4.88 13.72 -24.11
C GLU H 186 -3.77 14.53 -24.76
N ILE H 187 -2.99 15.25 -23.96
CA ILE H 187 -1.85 16.01 -24.49
C ILE H 187 -0.77 15.06 -24.98
N LYS H 188 -0.32 14.14 -24.12
CA LYS H 188 0.64 13.12 -24.52
C LYS H 188 0.17 12.36 -25.75
N PHE H 189 -1.15 12.34 -25.98
CA PHE H 189 -1.71 11.62 -27.13
C PHE H 189 -1.52 12.42 -28.41
N ALA H 190 -1.76 13.73 -28.33
CA ALA H 190 -1.58 14.59 -29.49
C ALA H 190 -0.13 14.58 -29.97
N ALA H 191 0.82 14.59 -29.03
CA ALA H 191 2.23 14.45 -29.40
C ALA H 191 2.46 13.18 -30.20
N THR H 192 1.91 12.05 -29.74
CA THR H 192 1.96 10.82 -30.52
C THR H 192 1.29 11.00 -31.88
N GLU H 193 0.15 11.68 -31.91
CA GLU H 193 -0.48 11.99 -33.20
C GLU H 193 0.43 12.81 -34.09
N TYR H 194 0.92 13.96 -33.63
CA TYR H 194 1.78 14.83 -34.41
C TYR H 194 3.21 14.29 -34.54
N GLY H 195 3.53 13.18 -33.88
CA GLY H 195 4.88 12.66 -33.91
C GLY H 195 5.91 13.56 -33.27
N VAL H 196 5.53 14.33 -32.26
CA VAL H 196 6.43 15.26 -31.59
C VAL H 196 6.59 14.86 -30.14
N GLU H 197 7.46 15.56 -29.41
CA GLU H 197 7.71 15.30 -28.00
C GLU H 197 7.08 16.39 -27.14
N TRP H 198 6.98 16.10 -25.85
CA TRP H 198 6.26 16.98 -24.93
C TRP H 198 6.73 16.81 -23.49
#